data_7SAX
#
_entry.id   7SAX
#
_cell.length_a   1.00
_cell.length_b   1.00
_cell.length_c   1.00
_cell.angle_alpha   90.00
_cell.angle_beta   90.00
_cell.angle_gamma   90.00
#
_symmetry.space_group_name_H-M   'P 1'
#
loop_
_entity.id
_entity.type
_entity.pdbx_description
1 polymer GldM
2 polymer GldL
#
loop_
_entity_poly.entity_id
_entity_poly.type
_entity_poly.pdbx_seq_one_letter_code
_entity_poly.pdbx_strand_id
1 'polypeptide(L)'
;MAGKKETPRQRMIGILYLVLLGLVALNVSDSILDAFKNLGNSLNTSTQNTQAGIDNMFLAFRETKLKENPERAQPILQKA
EQAQALVQQLTSKVGELTTLLEGEGGGLDEETGDVKYRSSTDISARLMINEGRAKELREVITKTKAELLTLTNNEINLTL
EAEDPAPRGGIKKTWEQANFGDGIPLTAAITALEKINADAKNAESAVVKHIFGKMDQAVVNLDQENLYFQGQFGSWSHPQ
FEKGGGSGGGSGGGSWSHPQFEK
;
A,B
2 'polypeptide(L)'
;MAKKTKFKFGINTLINWGATVVIIGLMFKILHLKGGEWMIGVGLAVEALLFFIMGFMQAEQEPDWTRVYPELDEDYNGEL
PTRSVRAVAQPVATGNTAALDKLLQDAKIDENLIGNLGDGLRTFSDKVASISKVADTAVATNQFADKLNAASTGAAQLSN
AFERAASDLQTFNESAADMQQFKEQVSTFNKNLSSLNAIYGNMLSAMNTNRS
;
C,D,E,F,G
#
# COMPACT_ATOMS: atom_id res chain seq x y z
N GLY A 3 18.28 11.73 38.47
CA GLY A 3 19.03 12.25 37.34
C GLY A 3 18.44 13.51 36.75
N LYS A 4 18.64 13.71 35.45
CA LYS A 4 18.09 14.88 34.78
C LYS A 4 16.56 14.82 34.78
N LYS A 5 15.94 15.98 34.96
CA LYS A 5 14.49 16.09 35.02
C LYS A 5 13.97 16.64 33.71
N GLU A 6 12.95 16.00 33.16
CA GLU A 6 12.28 16.47 31.96
C GLU A 6 10.78 16.56 32.22
N THR A 7 10.17 17.60 31.65
CA THR A 7 8.76 17.83 31.85
C THR A 7 7.93 16.74 31.17
N PRO A 8 6.73 16.47 31.67
CA PRO A 8 5.90 15.43 31.04
C PRO A 8 5.62 15.67 29.57
N ARG A 9 5.51 16.95 29.18
CA ARG A 9 5.37 17.31 27.78
C ARG A 9 6.49 16.69 26.96
N GLN A 10 7.74 16.94 27.37
CA GLN A 10 8.89 16.41 26.64
C GLN A 10 9.01 14.91 26.78
N ARG A 11 8.60 14.37 27.94
CA ARG A 11 8.70 12.94 28.15
C ARG A 11 7.82 12.18 27.17
N MET A 12 6.59 12.64 26.98
CA MET A 12 5.77 11.90 26.04
C MET A 12 5.95 12.35 24.60
N ILE A 13 6.57 13.51 24.34
CA ILE A 13 7.10 13.73 23.00
C ILE A 13 8.18 12.72 22.68
N GLY A 14 9.05 12.41 23.63
CA GLY A 14 10.05 11.38 23.41
C GLY A 14 9.43 10.02 23.16
N ILE A 15 8.41 9.66 23.95
CA ILE A 15 7.75 8.39 23.74
C ILE A 15 7.09 8.33 22.36
N LEU A 16 6.35 9.38 22.01
CA LEU A 16 5.70 9.41 20.70
C LEU A 16 6.70 9.46 19.57
N TYR A 17 7.87 10.04 19.80
CA TYR A 17 8.90 10.07 18.78
C TYR A 17 9.45 8.68 18.52
N LEU A 18 9.67 7.92 19.59
CA LEU A 18 10.09 6.52 19.44
C LEU A 18 9.01 5.69 18.76
N VAL A 19 7.75 5.95 19.06
CA VAL A 19 6.66 5.25 18.39
C VAL A 19 6.62 5.59 16.90
N LEU A 20 6.79 6.87 16.57
CA LEU A 20 6.76 7.30 15.17
C LEU A 20 7.95 6.78 14.40
N LEU A 21 9.09 6.59 15.06
CA LEU A 21 10.20 5.92 14.39
C LEU A 21 9.82 4.50 14.00
N GLY A 22 9.09 3.80 14.87
CA GLY A 22 8.67 2.45 14.55
C GLY A 22 7.72 2.40 13.36
N LEU A 23 6.80 3.35 13.28
CA LEU A 23 5.85 3.38 12.18
C LEU A 23 6.49 3.73 10.85
N VAL A 24 7.72 4.24 10.85
CA VAL A 24 8.46 4.40 9.61
C VAL A 24 8.79 3.04 9.02
N ALA A 25 9.04 2.06 9.87
CA ALA A 25 9.25 0.69 9.44
C ALA A 25 7.96 -0.05 9.13
N LEU A 26 6.81 0.56 9.38
CA LEU A 26 5.54 -0.03 8.99
C LEU A 26 5.45 -0.07 7.47
N ASN A 27 5.25 -1.26 6.92
CA ASN A 27 5.00 -1.39 5.50
C ASN A 27 3.95 -2.46 5.27
N VAL A 28 3.46 -2.54 4.04
CA VAL A 28 2.30 -3.36 3.73
C VAL A 28 2.57 -4.82 4.05
N SER A 29 1.56 -5.52 4.52
CA SER A 29 1.73 -6.89 4.96
C SER A 29 2.10 -7.79 3.79
N ASP A 30 2.79 -8.89 4.10
CA ASP A 30 3.24 -9.78 3.04
C ASP A 30 2.08 -10.39 2.29
N SER A 31 0.98 -10.66 2.99
CA SER A 31 -0.18 -11.26 2.35
C SER A 31 -0.80 -10.32 1.32
N ILE A 32 -0.82 -9.02 1.61
CA ILE A 32 -1.38 -8.07 0.67
C ILE A 32 -0.50 -7.96 -0.58
N LEU A 33 0.81 -7.98 -0.41
CA LEU A 33 1.70 -7.93 -1.58
C LEU A 33 1.58 -9.21 -2.39
N ASP A 34 1.40 -10.35 -1.72
CA ASP A 34 1.11 -11.57 -2.44
C ASP A 34 -0.19 -11.46 -3.22
N ALA A 35 -1.20 -10.84 -2.63
CA ALA A 35 -2.46 -10.63 -3.33
C ALA A 35 -2.26 -9.77 -4.57
N PHE A 36 -1.47 -8.72 -4.46
CA PHE A 36 -1.19 -7.87 -5.62
C PHE A 36 -0.47 -8.64 -6.71
N LYS A 37 0.54 -9.43 -6.35
CA LYS A 37 1.26 -10.21 -7.34
C LYS A 37 0.34 -11.21 -8.02
N ASN A 38 -0.53 -11.87 -7.25
CA ASN A 38 -1.44 -12.85 -7.83
C ASN A 38 -2.47 -12.19 -8.74
N LEU A 39 -2.98 -11.04 -8.36
CA LEU A 39 -3.90 -10.32 -9.23
C LEU A 39 -3.20 -9.90 -10.52
N GLY A 40 -1.94 -9.49 -10.44
CA GLY A 40 -1.20 -9.18 -11.64
C GLY A 40 -1.03 -10.37 -12.55
N ASN A 41 -0.73 -11.54 -11.98
CA ASN A 41 -0.61 -12.75 -12.79
C ASN A 41 -1.93 -13.10 -13.46
N SER A 42 -3.04 -13.02 -12.72
CA SER A 42 -4.33 -13.32 -13.30
C SER A 42 -4.71 -12.32 -14.39
N LEU A 43 -4.40 -11.04 -14.17
CA LEU A 43 -4.66 -10.04 -15.20
C LEU A 43 -3.85 -10.30 -16.44
N ASN A 44 -2.59 -10.71 -16.28
CA ASN A 44 -1.77 -11.01 -17.44
C ASN A 44 -2.35 -12.18 -18.24
N THR A 45 -2.76 -13.24 -17.55
CA THR A 45 -3.32 -14.39 -18.25
C THR A 45 -4.64 -14.04 -18.94
N SER A 46 -5.50 -13.29 -18.26
CA SER A 46 -6.76 -12.89 -18.87
C SER A 46 -6.54 -11.97 -20.05
N THR A 47 -5.50 -11.12 -19.97
CA THR A 47 -5.17 -10.25 -21.09
C THR A 47 -4.67 -11.05 -22.28
N GLN A 48 -3.92 -12.12 -22.03
CA GLN A 48 -3.53 -12.99 -23.13
C GLN A 48 -4.74 -13.64 -23.76
N ASN A 49 -5.71 -14.05 -22.93
CA ASN A 49 -6.95 -14.61 -23.49
C ASN A 49 -7.70 -13.57 -24.31
N THR A 50 -7.75 -12.33 -23.84
CA THR A 50 -8.41 -11.26 -24.58
C THR A 50 -7.71 -11.01 -25.91
N GLN A 51 -6.38 -10.98 -25.92
CA GLN A 51 -5.65 -10.78 -27.15
C GLN A 51 -5.90 -11.93 -28.12
N ALA A 52 -5.97 -13.16 -27.61
CA ALA A 52 -6.31 -14.28 -28.46
C ALA A 52 -7.71 -14.14 -29.03
N GLY A 53 -8.64 -13.66 -28.23
CA GLY A 53 -9.98 -13.42 -28.75
C GLY A 53 -10.01 -12.38 -29.84
N ILE A 54 -9.23 -11.30 -29.68
CA ILE A 54 -9.15 -10.27 -30.71
C ILE A 54 -8.57 -10.84 -32.00
N ASP A 55 -7.50 -11.64 -31.87
CA ASP A 55 -6.93 -12.27 -33.05
C ASP A 55 -7.93 -13.19 -33.73
N ASN A 56 -8.73 -13.90 -32.94
CA ASN A 56 -9.75 -14.76 -33.51
C ASN A 56 -10.81 -13.96 -34.25
N MET A 57 -11.22 -12.81 -33.69
CA MET A 57 -12.15 -11.94 -34.40
C MET A 57 -11.57 -11.49 -35.73
N PHE A 58 -10.30 -11.06 -35.72
CA PHE A 58 -9.67 -10.62 -36.95
C PHE A 58 -9.62 -11.75 -37.98
N LEU A 59 -9.24 -12.95 -37.54
CA LEU A 59 -9.12 -14.06 -38.46
C LEU A 59 -10.48 -14.45 -39.03
N ALA A 60 -11.51 -14.46 -38.19
CA ALA A 60 -12.84 -14.80 -38.67
C ALA A 60 -13.37 -13.77 -39.65
N PHE A 61 -13.19 -12.48 -39.35
CA PHE A 61 -13.67 -11.44 -40.24
C PHE A 61 -12.96 -11.48 -41.59
N ARG A 62 -11.63 -11.56 -41.57
CA ARG A 62 -10.86 -11.50 -42.80
C ARG A 62 -10.93 -12.79 -43.60
N GLU A 63 -11.52 -13.85 -43.04
CA GLU A 63 -11.64 -15.11 -43.74
C GLU A 63 -13.07 -15.48 -44.09
N THR A 64 -14.07 -14.89 -43.42
CA THR A 64 -15.47 -15.21 -43.66
C THR A 64 -16.23 -14.05 -44.29
N LYS A 65 -16.25 -12.89 -43.66
CA LYS A 65 -17.10 -11.80 -44.12
C LYS A 65 -16.42 -10.89 -45.14
N LEU A 66 -15.09 -10.91 -45.21
CA LEU A 66 -14.40 -10.10 -46.20
C LEU A 66 -14.49 -10.69 -47.60
N LYS A 67 -14.50 -12.02 -47.72
CA LYS A 67 -14.39 -12.65 -49.03
C LYS A 67 -15.57 -12.31 -49.91
N GLU A 68 -16.79 -12.31 -49.36
CA GLU A 68 -17.98 -12.18 -50.19
C GLU A 68 -18.22 -10.76 -50.68
N ASN A 69 -17.89 -9.74 -49.88
CA ASN A 69 -17.97 -8.35 -50.32
C ASN A 69 -16.71 -7.60 -49.91
N PRO A 70 -15.58 -7.87 -50.56
CA PRO A 70 -14.34 -7.17 -50.20
C PRO A 70 -14.43 -5.66 -50.39
N GLU A 71 -15.25 -5.20 -51.33
CA GLU A 71 -15.40 -3.75 -51.53
C GLU A 71 -16.01 -3.09 -50.30
N ARG A 72 -17.04 -3.72 -49.72
CA ARG A 72 -17.70 -3.15 -48.55
C ARG A 72 -16.99 -3.46 -47.25
N ALA A 73 -16.06 -4.42 -47.26
CA ALA A 73 -15.41 -4.87 -46.03
C ALA A 73 -14.02 -4.29 -45.83
N GLN A 74 -13.31 -3.98 -46.92
CA GLN A 74 -11.93 -3.50 -46.78
C GLN A 74 -11.82 -2.23 -45.96
N PRO A 75 -12.65 -1.19 -46.16
CA PRO A 75 -12.56 -0.04 -45.26
C PRO A 75 -12.85 -0.39 -43.81
N ILE A 76 -13.78 -1.32 -43.58
CA ILE A 76 -14.10 -1.71 -42.21
C ILE A 76 -12.90 -2.36 -41.55
N LEU A 77 -12.23 -3.26 -42.28
CA LEU A 77 -11.05 -3.91 -41.71
C LEU A 77 -9.92 -2.92 -41.52
N GLN A 78 -9.77 -1.95 -42.43
CA GLN A 78 -8.73 -0.93 -42.24
C GLN A 78 -9.00 -0.11 -40.99
N LYS A 79 -10.27 0.26 -40.77
CA LYS A 79 -10.61 0.99 -39.56
C LYS A 79 -10.35 0.15 -38.32
N ALA A 80 -10.66 -1.14 -38.37
CA ALA A 80 -10.39 -2.01 -37.24
C ALA A 80 -8.90 -2.11 -36.96
N GLU A 81 -8.09 -2.22 -38.01
CA GLU A 81 -6.64 -2.27 -37.83
C GLU A 81 -6.12 -0.96 -37.25
N GLN A 82 -6.69 0.16 -37.68
CA GLN A 82 -6.32 1.45 -37.10
C GLN A 82 -6.67 1.49 -35.62
N ALA A 83 -7.81 0.93 -35.24
CA ALA A 83 -8.14 0.80 -33.82
C ALA A 83 -7.14 -0.10 -33.11
N GLN A 84 -6.65 -1.13 -33.79
CA GLN A 84 -5.63 -1.99 -33.22
C GLN A 84 -4.28 -1.30 -33.11
N ALA A 85 -4.04 -0.27 -33.92
CA ALA A 85 -2.77 0.44 -33.86
C ALA A 85 -2.78 1.56 -32.83
N LEU A 86 -3.95 2.14 -32.56
CA LEU A 86 -4.02 3.17 -31.54
C LEU A 86 -3.68 2.61 -30.16
N VAL A 87 -4.17 1.40 -29.88
CA VAL A 87 -3.95 0.80 -28.58
C VAL A 87 -2.55 0.24 -28.43
N GLN A 88 -1.90 -0.13 -29.53
CA GLN A 88 -0.51 -0.56 -29.45
C GLN A 88 0.40 0.56 -28.97
N GLN A 89 0.01 1.81 -29.22
CA GLN A 89 0.74 2.94 -28.66
C GLN A 89 0.66 2.94 -27.15
N LEU A 90 -0.52 2.64 -26.59
CA LEU A 90 -0.66 2.55 -25.15
C LEU A 90 -0.02 1.27 -24.62
N THR A 91 -0.20 0.16 -25.32
CA THR A 91 0.35 -1.11 -24.87
C THR A 91 1.88 -1.07 -24.82
N SER A 92 2.50 -0.49 -25.85
CA SER A 92 3.97 -0.41 -25.87
C SER A 92 4.48 0.61 -24.87
N LYS A 93 3.72 1.67 -24.61
CA LYS A 93 4.09 2.61 -23.55
C LYS A 93 4.04 1.95 -22.18
N VAL A 94 3.00 1.14 -21.93
CA VAL A 94 2.91 0.45 -20.65
C VAL A 94 4.00 -0.59 -20.51
N GLY A 95 4.39 -1.24 -21.61
CA GLY A 95 5.45 -2.23 -21.54
C GLY A 95 6.78 -1.64 -21.13
N GLU A 96 7.11 -0.46 -21.67
CA GLU A 96 8.37 0.17 -21.30
C GLU A 96 8.38 0.61 -19.85
N LEU A 97 7.23 1.10 -19.35
CA LEU A 97 7.15 1.45 -17.94
C LEU A 97 7.22 0.21 -17.07
N THR A 98 6.60 -0.88 -17.52
CA THR A 98 6.67 -2.12 -16.76
C THR A 98 8.11 -2.60 -16.63
N THR A 99 8.85 -2.61 -17.75
CA THR A 99 10.24 -3.06 -17.66
C THR A 99 11.10 -2.08 -16.88
N LEU A 100 10.75 -0.79 -16.90
CA LEU A 100 11.48 0.18 -16.10
C LEU A 100 11.27 -0.08 -14.61
N LEU A 101 10.03 -0.41 -14.21
CA LEU A 101 9.76 -0.66 -12.80
C LEU A 101 10.35 -1.99 -12.36
N GLU A 102 10.33 -3.00 -13.23
CA GLU A 102 10.99 -4.26 -12.91
C GLU A 102 12.50 -4.09 -12.78
N GLY A 103 13.10 -3.29 -13.66
CA GLY A 103 14.55 -3.09 -13.60
C GLY A 103 14.98 -2.40 -12.33
N GLU A 104 14.27 -1.35 -11.93
CA GLU A 104 14.50 -0.76 -10.63
C GLU A 104 13.94 -1.61 -9.51
N GLY A 105 13.27 -2.72 -9.86
CA GLY A 105 12.75 -3.61 -8.84
C GLY A 105 13.83 -4.17 -7.95
N GLY A 106 14.90 -4.70 -8.54
CA GLY A 106 15.99 -5.21 -7.75
C GLY A 106 16.18 -6.72 -7.88
N GLY A 107 15.81 -7.26 -9.03
CA GLY A 107 16.01 -8.68 -9.25
C GLY A 107 14.83 -9.51 -8.79
N LEU A 108 14.62 -10.63 -9.48
CA LEU A 108 13.51 -11.53 -9.21
C LEU A 108 13.87 -12.40 -8.02
N ASP A 109 13.33 -12.07 -6.85
CA ASP A 109 13.55 -12.89 -5.66
C ASP A 109 12.98 -14.27 -5.86
N GLU A 110 13.76 -15.30 -5.49
CA GLU A 110 13.32 -16.66 -5.73
C GLU A 110 12.38 -17.18 -4.65
N GLU A 111 12.49 -16.65 -3.43
CA GLU A 111 11.62 -17.11 -2.35
C GLU A 111 10.17 -16.84 -2.67
N THR A 112 9.87 -15.63 -3.14
CA THR A 112 8.57 -15.31 -3.71
C THR A 112 8.67 -15.40 -5.23
N GLY A 113 7.64 -14.96 -5.93
CA GLY A 113 7.65 -14.93 -7.37
C GLY A 113 7.91 -13.59 -7.99
N ASP A 114 8.23 -12.57 -7.21
CA ASP A 114 8.34 -11.22 -7.74
C ASP A 114 9.66 -10.56 -7.36
N VAL A 115 9.77 -9.26 -7.58
CA VAL A 115 11.04 -8.58 -7.39
C VAL A 115 11.33 -8.42 -5.90
N LYS A 116 12.61 -8.23 -5.59
CA LYS A 116 12.97 -7.67 -4.31
C LYS A 116 12.55 -6.21 -4.27
N TYR A 117 12.56 -5.61 -3.10
CA TYR A 117 12.01 -4.26 -2.92
C TYR A 117 10.60 -4.17 -3.48
N ARG A 118 9.85 -5.27 -3.41
CA ARG A 118 8.47 -5.29 -3.88
C ARG A 118 7.53 -4.51 -2.99
N SER A 119 7.98 -4.08 -1.83
CA SER A 119 7.16 -3.32 -0.89
C SER A 119 7.77 -1.96 -0.66
N SER A 120 8.36 -1.37 -1.70
CA SER A 120 9.21 -0.21 -1.51
C SER A 120 8.41 1.02 -1.10
N THR A 121 7.35 1.33 -1.83
CA THR A 121 6.56 2.55 -1.69
C THR A 121 7.36 3.81 -1.96
N ASP A 122 8.53 3.69 -2.58
CA ASP A 122 9.26 4.87 -3.01
C ASP A 122 9.96 4.69 -4.35
N ILE A 123 9.83 3.55 -5.00
CA ILE A 123 10.39 3.40 -6.34
C ILE A 123 9.46 3.97 -7.38
N SER A 124 8.20 3.55 -7.37
CA SER A 124 7.24 4.07 -8.33
C SER A 124 6.80 5.49 -7.98
N ALA A 125 6.98 5.92 -6.74
CA ALA A 125 6.59 7.27 -6.39
C ALA A 125 7.58 8.29 -6.90
N ARG A 126 8.78 7.88 -7.28
CA ARG A 126 9.76 8.78 -7.88
C ARG A 126 10.06 8.46 -9.32
N LEU A 127 9.79 7.25 -9.76
CA LEU A 127 10.03 6.91 -11.15
C LEU A 127 8.85 7.27 -12.05
N MET A 128 7.70 7.59 -11.46
CA MET A 128 6.49 7.91 -12.19
C MET A 128 5.92 9.29 -11.88
N ILE A 129 6.06 9.77 -10.65
CA ILE A 129 5.58 11.11 -10.28
C ILE A 129 6.70 12.13 -10.29
N ASN A 130 7.80 11.85 -9.58
CA ASN A 130 8.89 12.82 -9.55
C ASN A 130 9.42 13.10 -10.95
N GLU A 131 9.60 12.06 -11.74
CA GLU A 131 10.10 12.20 -13.10
C GLU A 131 8.97 12.31 -14.11
N GLY A 132 7.72 12.40 -13.65
CA GLY A 132 6.61 12.73 -14.52
C GLY A 132 6.29 11.73 -15.60
N ARG A 133 6.45 10.45 -15.32
CA ARG A 133 6.08 9.43 -16.29
C ARG A 133 4.60 9.04 -16.17
N ALA A 134 4.03 9.15 -14.98
CA ALA A 134 2.62 8.85 -14.80
C ALA A 134 1.74 9.86 -15.52
N LYS A 135 2.15 11.13 -15.53
CA LYS A 135 1.38 12.14 -16.25
C LYS A 135 1.44 11.91 -17.75
N GLU A 136 2.61 11.53 -18.27
CA GLU A 136 2.70 11.17 -19.68
C GLU A 136 1.82 9.97 -19.99
N LEU A 137 1.84 8.96 -19.12
CA LEU A 137 1.00 7.79 -19.33
C LEU A 137 -0.47 8.14 -19.32
N ARG A 138 -0.88 9.02 -18.41
CA ARG A 138 -2.27 9.43 -18.35
C ARG A 138 -2.67 10.22 -19.59
N GLU A 139 -1.76 11.06 -20.10
CA GLU A 139 -2.03 11.75 -21.34
C GLU A 139 -2.23 10.77 -22.50
N VAL A 140 -1.39 9.73 -22.55
CA VAL A 140 -1.55 8.74 -23.61
C VAL A 140 -2.86 7.98 -23.45
N ILE A 141 -3.22 7.65 -22.21
CA ILE A 141 -4.47 6.92 -21.96
C ILE A 141 -5.66 7.75 -22.41
N THR A 142 -5.67 9.02 -22.04
CA THR A 142 -6.77 9.90 -22.44
C THR A 142 -6.82 10.08 -23.94
N LYS A 143 -5.66 10.25 -24.58
CA LYS A 143 -5.62 10.44 -26.02
C LYS A 143 -6.13 9.21 -26.75
N THR A 144 -5.72 8.02 -26.32
CA THR A 144 -6.19 6.81 -27.00
C THR A 144 -7.67 6.54 -26.72
N LYS A 145 -8.15 6.90 -25.52
CA LYS A 145 -9.58 6.81 -25.26
C LYS A 145 -10.36 7.71 -26.20
N ALA A 146 -9.90 8.95 -26.37
CA ALA A 146 -10.58 9.88 -27.26
C ALA A 146 -10.54 9.39 -28.70
N GLU A 147 -9.38 8.93 -29.16
CA GLU A 147 -9.27 8.50 -30.54
C GLU A 147 -9.98 7.19 -30.83
N LEU A 148 -10.21 6.36 -29.81
CA LEU A 148 -11.08 5.21 -29.99
C LEU A 148 -12.54 5.63 -30.01
N LEU A 149 -12.91 6.60 -29.18
CA LEU A 149 -14.29 7.09 -29.19
C LEU A 149 -14.59 7.81 -30.50
N THR A 150 -13.75 8.76 -30.89
CA THR A 150 -14.00 9.50 -32.12
C THR A 150 -13.89 8.62 -33.36
N LEU A 151 -13.33 7.43 -33.21
CA LEU A 151 -13.33 6.48 -34.32
C LEU A 151 -14.68 5.82 -34.49
N THR A 152 -15.43 5.64 -33.41
CA THR A 152 -16.80 5.14 -33.50
C THR A 152 -17.82 6.10 -32.89
N ASN A 153 -17.67 6.44 -31.60
CA ASN A 153 -18.65 7.22 -30.85
C ASN A 153 -20.05 6.60 -30.95
N ASN A 154 -20.11 5.28 -30.77
CA ASN A 154 -21.37 4.56 -30.77
C ASN A 154 -21.49 3.60 -29.60
N GLU A 155 -20.62 3.72 -28.60
CA GLU A 155 -20.63 2.84 -27.44
C GLU A 155 -19.78 3.48 -26.35
N ILE A 156 -19.62 2.75 -25.25
CA ILE A 156 -18.85 3.21 -24.11
C ILE A 156 -17.62 2.33 -23.96
N ASN A 157 -16.47 2.97 -23.74
CA ASN A 157 -15.21 2.29 -23.48
C ASN A 157 -14.80 2.51 -22.02
N LEU A 158 -15.80 2.50 -21.13
CA LEU A 158 -15.63 2.93 -19.75
C LEU A 158 -14.48 2.21 -19.04
N THR A 159 -14.02 1.09 -19.60
CA THR A 159 -12.85 0.43 -19.02
C THR A 159 -11.62 1.33 -19.09
N LEU A 160 -11.41 1.97 -20.24
CA LEU A 160 -10.18 2.71 -20.51
C LEU A 160 -10.40 4.19 -20.19
N GLU A 161 -10.24 4.53 -18.92
CA GLU A 161 -10.43 5.91 -18.50
C GLU A 161 -9.56 6.20 -17.28
N ALA A 162 -8.63 7.13 -17.44
CA ALA A 162 -7.70 7.53 -16.40
C ALA A 162 -8.16 8.83 -15.76
N GLU A 163 -9.22 8.74 -14.98
CA GLU A 163 -9.80 9.90 -14.32
C GLU A 163 -9.50 9.86 -12.83
N ASP A 164 -9.48 11.04 -12.22
CA ASP A 164 -9.19 11.14 -10.80
C ASP A 164 -10.27 10.44 -9.99
N PRO A 165 -9.90 9.82 -8.86
CA PRO A 165 -10.91 9.29 -7.95
C PRO A 165 -11.75 10.41 -7.38
N ALA A 166 -13.00 10.09 -7.06
CA ALA A 166 -13.92 11.09 -6.56
C ALA A 166 -13.39 11.66 -5.25
N PRO A 167 -13.54 12.95 -5.02
CA PRO A 167 -12.99 13.56 -3.80
C PRO A 167 -13.72 13.13 -2.55
N ARG A 168 -13.06 12.34 -1.71
CA ARG A 168 -13.65 11.86 -0.48
C ARG A 168 -12.83 12.36 0.70
N GLY A 169 -13.51 12.88 1.72
CA GLY A 169 -12.87 13.36 2.91
C GLY A 169 -12.34 14.77 2.85
N GLY A 170 -12.61 15.50 1.78
CA GLY A 170 -12.08 16.84 1.63
C GLY A 170 -10.73 16.93 0.96
N ILE A 171 -10.32 15.88 0.24
CA ILE A 171 -9.07 15.87 -0.50
C ILE A 171 -9.37 15.44 -1.92
N LYS A 172 -8.50 15.83 -2.84
CA LYS A 172 -8.67 15.53 -4.25
C LYS A 172 -7.43 14.82 -4.76
N LYS A 173 -7.44 13.50 -4.70
CA LYS A 173 -6.33 12.70 -5.18
C LYS A 173 -6.38 12.63 -6.70
N THR A 174 -5.22 12.79 -7.32
CA THR A 174 -5.12 12.68 -8.76
C THR A 174 -4.93 11.22 -9.16
N TRP A 175 -5.16 10.93 -10.44
CA TRP A 175 -5.01 9.57 -10.93
C TRP A 175 -3.58 9.07 -10.79
N GLU A 176 -2.61 9.92 -11.12
CA GLU A 176 -1.22 9.52 -10.99
C GLU A 176 -0.85 9.28 -9.53
N GLN A 177 -1.40 10.09 -8.64
CA GLN A 177 -1.04 9.96 -7.23
C GLN A 177 -1.75 8.78 -6.58
N ALA A 178 -2.95 8.45 -7.03
CA ALA A 178 -3.70 7.33 -6.48
C ALA A 178 -3.26 5.99 -7.03
N ASN A 179 -2.47 5.97 -8.10
CA ASN A 179 -2.06 4.73 -8.74
C ASN A 179 -0.58 4.42 -8.58
N PHE A 180 0.27 5.44 -8.49
CA PHE A 180 1.70 5.22 -8.39
C PHE A 180 2.37 6.01 -7.30
N GLY A 181 1.63 6.75 -6.49
CA GLY A 181 2.23 7.75 -5.64
C GLY A 181 2.68 7.30 -4.28
N ASP A 182 2.30 8.04 -3.25
CA ASP A 182 2.76 7.78 -1.89
C ASP A 182 1.97 6.65 -1.27
N GLY A 183 2.68 5.70 -0.68
CA GLY A 183 2.04 4.57 -0.04
C GLY A 183 1.77 3.39 -0.94
N ILE A 184 2.05 3.51 -2.23
CA ILE A 184 1.80 2.43 -3.18
C ILE A 184 3.07 1.60 -3.29
N PRO A 185 3.06 0.33 -2.91
CA PRO A 185 4.26 -0.49 -3.06
C PRO A 185 4.58 -0.72 -4.53
N LEU A 186 5.80 -1.17 -4.77
CA LEU A 186 6.24 -1.39 -6.14
C LEU A 186 5.40 -2.46 -6.82
N THR A 187 5.03 -3.51 -6.09
CA THR A 187 4.21 -4.56 -6.68
C THR A 187 2.81 -4.05 -7.01
N ALA A 188 2.26 -3.17 -6.18
CA ALA A 188 0.98 -2.55 -6.50
C ALA A 188 1.07 -1.70 -7.76
N ALA A 189 2.20 -1.01 -7.96
CA ALA A 189 2.36 -0.18 -9.14
C ALA A 189 2.54 -1.02 -10.41
N ILE A 190 3.29 -2.11 -10.32
CA ILE A 190 3.40 -3.01 -11.46
C ILE A 190 2.05 -3.64 -11.78
N THR A 191 1.26 -3.95 -10.75
CA THR A 191 -0.09 -4.43 -10.98
C THR A 191 -0.98 -3.37 -11.58
N ALA A 192 -0.77 -2.10 -11.23
CA ALA A 192 -1.53 -1.01 -11.84
C ALA A 192 -1.21 -0.90 -13.32
N LEU A 193 0.06 -1.05 -13.68
CA LEU A 193 0.40 -1.04 -15.11
C LEU A 193 -0.21 -2.24 -15.82
N GLU A 194 -0.21 -3.40 -15.17
CA GLU A 194 -0.86 -4.57 -15.74
C GLU A 194 -2.36 -4.35 -15.90
N LYS A 195 -2.98 -3.66 -14.95
CA LYS A 195 -4.40 -3.32 -15.05
C LYS A 195 -4.67 -2.36 -16.19
N ILE A 196 -3.80 -1.38 -16.39
CA ILE A 196 -3.95 -0.48 -17.53
C ILE A 196 -3.82 -1.24 -18.84
N ASN A 197 -2.89 -2.18 -18.90
CA ASN A 197 -2.74 -2.98 -20.10
C ASN A 197 -3.98 -3.83 -20.36
N ALA A 198 -4.54 -4.42 -19.30
CA ALA A 198 -5.78 -5.19 -19.45
C ALA A 198 -6.92 -4.31 -19.93
N ASP A 199 -7.03 -3.11 -19.36
CA ASP A 199 -8.09 -2.18 -19.77
C ASP A 199 -7.93 -1.79 -21.23
N ALA A 200 -6.69 -1.55 -21.67
CA ALA A 200 -6.44 -1.22 -23.06
C ALA A 200 -6.85 -2.36 -23.97
N LYS A 201 -6.49 -3.59 -23.62
CA LYS A 201 -6.87 -4.72 -24.46
C LYS A 201 -8.38 -4.92 -24.46
N ASN A 202 -9.04 -4.71 -23.32
CA ASN A 202 -10.50 -4.82 -23.28
C ASN A 202 -11.16 -3.78 -24.16
N ALA A 203 -10.68 -2.54 -24.11
CA ALA A 203 -11.23 -1.49 -24.94
C ALA A 203 -11.00 -1.78 -26.41
N GLU A 204 -9.81 -2.26 -26.76
CA GLU A 204 -9.55 -2.62 -28.15
C GLU A 204 -10.47 -3.76 -28.60
N SER A 205 -10.70 -4.74 -27.74
CA SER A 205 -11.59 -5.83 -28.07
C SER A 205 -13.01 -5.33 -28.30
N ALA A 206 -13.50 -4.46 -27.43
CA ALA A 206 -14.85 -3.92 -27.59
C ALA A 206 -14.96 -3.13 -28.89
N VAL A 207 -13.96 -2.30 -29.17
CA VAL A 207 -14.00 -1.47 -30.37
C VAL A 207 -13.96 -2.33 -31.62
N VAL A 208 -13.08 -3.33 -31.64
CA VAL A 208 -12.97 -4.21 -32.80
C VAL A 208 -14.26 -4.99 -33.01
N LYS A 209 -14.83 -5.51 -31.92
CA LYS A 209 -16.07 -6.25 -32.03
C LYS A 209 -17.18 -5.37 -32.59
N HIS A 210 -17.27 -4.13 -32.09
CA HIS A 210 -18.30 -3.21 -32.57
C HIS A 210 -18.10 -2.88 -34.04
N ILE A 211 -16.86 -2.61 -34.43
CA ILE A 211 -16.56 -2.26 -35.82
C ILE A 211 -16.94 -3.40 -36.75
N PHE A 212 -16.55 -4.62 -36.39
CA PHE A 212 -16.92 -5.77 -37.20
C PHE A 212 -18.43 -6.01 -37.16
N GLY A 213 -19.08 -5.59 -36.07
CA GLY A 213 -20.52 -5.72 -35.98
C GLY A 213 -21.30 -4.72 -36.79
N LYS A 214 -20.65 -3.65 -37.24
CA LYS A 214 -21.30 -2.76 -38.20
C LYS A 214 -21.84 -3.53 -39.40
N MET A 215 -21.02 -4.37 -40.02
CA MET A 215 -21.43 -5.03 -41.23
C MET A 215 -21.54 -6.54 -41.04
N LYS B 5 14.24 26.01 29.16
CA LYS B 5 15.33 25.69 28.24
C LYS B 5 15.35 24.20 27.94
N GLU B 6 15.74 23.84 26.73
CA GLU B 6 15.77 22.44 26.32
C GLU B 6 17.13 22.09 25.74
N THR B 7 17.52 20.84 25.95
CA THR B 7 18.76 20.32 25.41
C THR B 7 18.65 20.20 23.90
N PRO B 8 19.78 20.14 23.18
CA PRO B 8 19.71 20.00 21.72
C PRO B 8 18.96 18.77 21.28
N ARG B 9 19.06 17.69 22.04
CA ARG B 9 18.30 16.49 21.72
C ARG B 9 16.81 16.75 21.78
N GLN B 10 16.37 17.58 22.73
CA GLN B 10 14.94 17.87 22.84
C GLN B 10 14.46 18.77 21.72
N ARG B 11 15.28 19.72 21.25
CA ARG B 11 14.89 20.47 20.06
C ARG B 11 14.80 19.57 18.84
N MET B 12 15.79 18.67 18.68
CA MET B 12 15.73 17.71 17.58
C MET B 12 14.43 16.93 17.64
N ILE B 13 14.08 16.40 18.81
CA ILE B 13 12.88 15.57 18.93
C ILE B 13 11.63 16.40 18.67
N GLY B 14 11.55 17.57 19.29
CA GLY B 14 10.37 18.41 19.20
C GLY B 14 10.15 19.02 17.84
N ILE B 15 11.17 19.02 16.98
CA ILE B 15 10.98 19.41 15.59
C ILE B 15 10.74 18.22 14.69
N LEU B 16 11.47 17.13 14.88
CA LEU B 16 11.42 16.00 13.98
C LEU B 16 10.24 15.09 14.22
N TYR B 17 9.54 15.19 15.35
CA TYR B 17 8.40 14.30 15.52
C TYR B 17 7.28 14.64 14.56
N LEU B 18 7.10 15.90 14.23
CA LEU B 18 6.11 16.28 13.23
C LEU B 18 6.55 15.89 11.81
N VAL B 19 7.84 15.96 11.51
CA VAL B 19 8.32 15.49 10.21
C VAL B 19 8.13 13.98 10.09
N LEU B 20 8.42 13.24 11.17
CA LEU B 20 8.22 11.80 11.16
C LEU B 20 6.74 11.46 11.02
N LEU B 21 5.88 12.19 11.70
CA LEU B 21 4.45 11.94 11.57
C LEU B 21 3.99 12.23 10.15
N GLY B 22 4.50 13.29 9.54
CA GLY B 22 4.18 13.56 8.16
C GLY B 22 4.64 12.45 7.24
N LEU B 23 5.85 11.93 7.47
CA LEU B 23 6.36 10.82 6.67
C LEU B 23 5.49 9.57 6.82
N VAL B 24 5.09 9.25 8.06
CA VAL B 24 4.24 8.09 8.29
C VAL B 24 2.88 8.29 7.64
N ALA B 25 2.30 9.47 7.80
CA ALA B 25 0.99 9.74 7.21
C ALA B 25 1.04 9.65 5.70
N LEU B 26 2.09 10.18 5.09
CA LEU B 26 2.24 10.09 3.65
C LEU B 26 2.42 8.66 3.19
N ASN B 27 3.08 7.83 4.01
CA ASN B 27 3.44 6.49 3.57
C ASN B 27 2.30 5.48 3.64
N VAL B 28 1.16 5.85 4.21
CA VAL B 28 0.00 4.97 4.28
C VAL B 28 -1.11 5.60 3.45
N SER B 29 -1.70 4.82 2.56
CA SER B 29 -2.69 5.36 1.65
C SER B 29 -3.89 4.45 1.56
N ASP B 30 -5.06 5.07 1.39
CA ASP B 30 -6.28 4.33 1.06
C ASP B 30 -6.24 3.78 -0.34
N SER B 31 -5.27 4.19 -1.16
CA SER B 31 -5.19 3.76 -2.54
C SER B 31 -4.90 2.28 -2.68
N ILE B 32 -4.49 1.60 -1.61
CA ILE B 32 -4.37 0.15 -1.66
C ILE B 32 -5.73 -0.48 -1.89
N LEU B 33 -6.74 -0.02 -1.16
CA LEU B 33 -8.08 -0.57 -1.29
C LEU B 33 -8.74 -0.12 -2.58
N ASP B 34 -8.48 1.11 -3.00
CA ASP B 34 -8.93 1.55 -4.31
C ASP B 34 -8.32 0.69 -5.40
N ALA B 35 -7.04 0.34 -5.24
CA ALA B 35 -6.39 -0.54 -6.20
C ALA B 35 -7.04 -1.92 -6.21
N PHE B 36 -7.38 -2.44 -5.03
CA PHE B 36 -8.02 -3.75 -4.98
C PHE B 36 -9.37 -3.73 -5.68
N LYS B 37 -10.16 -2.67 -5.47
CA LYS B 37 -11.45 -2.57 -6.14
C LYS B 37 -11.29 -2.43 -7.65
N ASN B 38 -10.35 -1.62 -8.10
CA ASN B 38 -10.15 -1.44 -9.53
C ASN B 38 -9.65 -2.72 -10.18
N LEU B 39 -8.77 -3.44 -9.49
CA LEU B 39 -8.30 -4.72 -10.00
C LEU B 39 -9.46 -5.72 -10.09
N GLY B 40 -10.35 -5.70 -9.10
CA GLY B 40 -11.53 -6.54 -9.20
C GLY B 40 -12.40 -6.22 -10.40
N ASN B 41 -12.61 -4.93 -10.66
CA ASN B 41 -13.39 -4.55 -11.83
C ASN B 41 -12.72 -4.99 -13.13
N SER B 42 -11.41 -4.79 -13.24
CA SER B 42 -10.70 -5.20 -14.44
C SER B 42 -10.73 -6.71 -14.62
N LEU B 43 -10.57 -7.46 -13.53
CA LEU B 43 -10.64 -8.92 -13.60
C LEU B 43 -12.02 -9.36 -14.06
N ASN B 44 -13.07 -8.71 -13.57
CA ASN B 44 -14.41 -9.07 -13.99
C ASN B 44 -14.62 -8.80 -15.47
N THR B 45 -14.15 -7.66 -15.97
CA THR B 45 -14.29 -7.36 -17.38
C THR B 45 -13.52 -8.35 -18.26
N SER B 46 -12.29 -8.67 -17.85
CA SER B 46 -11.50 -9.62 -18.63
C SER B 46 -12.10 -11.02 -18.57
N THR B 47 -12.75 -11.36 -17.46
CA THR B 47 -13.45 -12.64 -17.37
C THR B 47 -14.65 -12.67 -18.30
N GLN B 48 -15.36 -11.55 -18.41
CA GLN B 48 -16.44 -11.48 -19.39
C GLN B 48 -15.90 -11.68 -20.80
N ASN B 49 -14.77 -11.05 -21.11
CA ASN B 49 -14.16 -11.25 -22.43
C ASN B 49 -13.75 -12.71 -22.64
N THR B 50 -13.20 -13.35 -21.61
CA THR B 50 -12.80 -14.75 -21.73
C THR B 50 -14.02 -15.66 -21.95
N GLN B 51 -15.11 -15.40 -21.24
CA GLN B 51 -16.33 -16.16 -21.45
C GLN B 51 -16.86 -15.96 -22.86
N ALA B 52 -16.78 -14.74 -23.37
CA ALA B 52 -17.17 -14.50 -24.76
C ALA B 52 -16.29 -15.29 -25.72
N GLY B 53 -15.00 -15.36 -25.42
CA GLY B 53 -14.10 -16.16 -26.25
C GLY B 53 -14.45 -17.63 -26.23
N ILE B 54 -14.79 -18.15 -25.05
CA ILE B 54 -15.19 -19.55 -24.95
C ILE B 54 -16.46 -19.80 -25.76
N ASP B 55 -17.42 -18.89 -25.65
CA ASP B 55 -18.65 -19.03 -26.43
C ASP B 55 -18.36 -18.99 -27.92
N ASN B 56 -17.46 -18.10 -28.35
CA ASN B 56 -17.08 -18.06 -29.76
C ASN B 56 -16.41 -19.36 -30.19
N MET B 57 -15.60 -19.94 -29.31
CA MET B 57 -15.00 -21.24 -29.60
C MET B 57 -16.07 -22.29 -29.82
N PHE B 58 -17.07 -22.31 -28.95
CA PHE B 58 -18.14 -23.30 -29.06
C PHE B 58 -18.92 -23.11 -30.36
N LEU B 59 -19.27 -21.86 -30.69
CA LEU B 59 -19.98 -21.60 -31.93
C LEU B 59 -19.14 -21.97 -33.14
N ALA B 60 -17.84 -21.66 -33.11
CA ALA B 60 -16.97 -22.01 -34.22
C ALA B 60 -16.92 -23.52 -34.43
N PHE B 61 -16.64 -24.26 -33.36
CA PHE B 61 -16.58 -25.71 -33.47
C PHE B 61 -17.91 -26.31 -33.87
N ARG B 62 -19.02 -25.66 -33.48
CA ARG B 62 -20.35 -26.23 -33.70
C ARG B 62 -20.71 -26.28 -35.18
N GLU B 63 -20.17 -25.38 -36.00
CA GLU B 63 -20.49 -25.36 -37.42
C GLU B 63 -19.25 -25.17 -38.27
N THR B 64 -18.13 -25.76 -37.85
CA THR B 64 -16.94 -25.84 -38.68
C THR B 64 -16.54 -27.28 -38.97
N LYS B 65 -16.50 -28.13 -37.95
CA LYS B 65 -16.20 -29.54 -38.14
C LYS B 65 -17.18 -30.47 -37.46
N LEU B 66 -18.10 -29.96 -36.65
CA LEU B 66 -19.16 -30.81 -36.12
C LEU B 66 -20.10 -31.24 -37.23
N LYS B 67 -20.40 -30.34 -38.17
CA LYS B 67 -21.33 -30.65 -39.26
C LYS B 67 -20.73 -31.59 -40.29
N GLU B 68 -19.43 -31.86 -40.24
CA GLU B 68 -18.77 -32.71 -41.23
C GLU B 68 -18.70 -34.16 -40.76
N ASN B 69 -18.08 -34.39 -39.61
CA ASN B 69 -17.89 -35.73 -39.06
C ASN B 69 -18.39 -35.76 -37.62
N PRO B 70 -19.71 -35.77 -37.42
CA PRO B 70 -20.24 -35.81 -36.05
C PRO B 70 -19.79 -37.03 -35.27
N GLU B 71 -19.58 -38.17 -35.93
CA GLU B 71 -19.10 -39.36 -35.23
C GLU B 71 -17.76 -39.13 -34.55
N ARG B 72 -17.00 -38.14 -34.99
CA ARG B 72 -15.74 -37.76 -34.36
C ARG B 72 -15.89 -36.59 -33.40
N ALA B 73 -16.85 -35.69 -33.65
CA ALA B 73 -16.98 -34.47 -32.87
C ALA B 73 -17.84 -34.63 -31.64
N GLN B 74 -18.83 -35.53 -31.66
CA GLN B 74 -19.69 -35.71 -30.49
C GLN B 74 -18.92 -36.06 -29.22
N PRO B 75 -17.95 -36.98 -29.22
CA PRO B 75 -17.14 -37.15 -28.00
C PRO B 75 -16.38 -35.90 -27.62
N ILE B 76 -15.84 -35.17 -28.60
CA ILE B 76 -15.09 -33.96 -28.30
C ILE B 76 -16.00 -32.90 -27.72
N LEU B 77 -17.17 -32.70 -28.33
CA LEU B 77 -18.12 -31.73 -27.82
C LEU B 77 -18.60 -32.11 -26.42
N GLN B 78 -18.84 -33.41 -26.20
CA GLN B 78 -19.29 -33.87 -24.90
C GLN B 78 -18.22 -33.61 -23.84
N LYS B 79 -16.96 -33.88 -24.17
CA LYS B 79 -15.88 -33.62 -23.22
C LYS B 79 -15.75 -32.13 -22.92
N ALA B 80 -15.88 -31.29 -23.96
CA ALA B 80 -15.82 -29.86 -23.74
C ALA B 80 -16.96 -29.39 -22.85
N GLU B 81 -18.17 -29.91 -23.07
CA GLU B 81 -19.30 -29.53 -22.24
C GLU B 81 -19.11 -30.00 -20.81
N GLN B 82 -18.52 -31.19 -20.64
CA GLN B 82 -18.25 -31.69 -19.30
C GLN B 82 -17.26 -30.79 -18.57
N ALA B 83 -16.21 -30.35 -19.26
CA ALA B 83 -15.26 -29.42 -18.66
C ALA B 83 -15.95 -28.11 -18.30
N GLN B 84 -16.84 -27.64 -19.18
CA GLN B 84 -17.59 -26.43 -18.90
C GLN B 84 -18.42 -26.59 -17.62
N ALA B 85 -19.08 -27.74 -17.46
CA ALA B 85 -19.90 -27.96 -16.26
C ALA B 85 -19.04 -28.07 -15.01
N LEU B 86 -17.90 -28.77 -15.10
CA LEU B 86 -17.00 -28.87 -13.97
C LEU B 86 -16.54 -27.49 -13.50
N VAL B 87 -16.16 -26.64 -14.46
CA VAL B 87 -15.75 -25.30 -14.07
C VAL B 87 -16.93 -24.51 -13.55
N GLN B 88 -18.13 -24.72 -14.11
CA GLN B 88 -19.29 -23.96 -13.67
C GLN B 88 -19.65 -24.28 -12.22
N GLN B 89 -19.35 -25.50 -11.77
CA GLN B 89 -19.56 -25.79 -10.34
C GLN B 89 -18.77 -24.83 -9.46
N LEU B 90 -17.48 -24.69 -9.73
CA LEU B 90 -16.65 -23.75 -8.99
C LEU B 90 -17.10 -22.32 -9.19
N THR B 91 -17.54 -22.00 -10.41
CA THR B 91 -18.00 -20.64 -10.69
C THR B 91 -19.23 -20.29 -9.86
N SER B 92 -20.18 -21.20 -9.75
CA SER B 92 -21.36 -20.97 -8.91
C SER B 92 -20.97 -20.89 -7.44
N LYS B 93 -20.04 -21.73 -6.99
CA LYS B 93 -19.60 -21.67 -5.61
C LYS B 93 -18.99 -20.31 -5.29
N VAL B 94 -18.13 -19.81 -6.18
CA VAL B 94 -17.50 -18.52 -5.97
C VAL B 94 -18.54 -17.40 -6.04
N GLY B 95 -19.53 -17.54 -6.91
CA GLY B 95 -20.59 -16.54 -6.96
C GLY B 95 -21.38 -16.48 -5.67
N GLU B 96 -21.70 -17.64 -5.09
CA GLU B 96 -22.38 -17.66 -3.79
C GLU B 96 -21.53 -16.97 -2.73
N LEU B 97 -20.23 -17.28 -2.71
CA LEU B 97 -19.35 -16.68 -1.72
C LEU B 97 -19.25 -15.17 -1.92
N THR B 98 -19.19 -14.72 -3.17
CA THR B 98 -19.10 -13.28 -3.43
C THR B 98 -20.36 -12.56 -3.00
N THR B 99 -21.53 -13.13 -3.28
CA THR B 99 -22.76 -12.50 -2.80
C THR B 99 -22.81 -12.49 -1.29
N LEU B 100 -22.33 -13.55 -0.65
CA LEU B 100 -22.31 -13.60 0.81
C LEU B 100 -21.43 -12.50 1.39
N LEU B 101 -20.24 -12.31 0.82
CA LEU B 101 -19.31 -11.32 1.37
C LEU B 101 -19.77 -9.90 1.04
N GLU B 102 -20.39 -9.69 -0.11
CA GLU B 102 -20.89 -8.36 -0.44
C GLU B 102 -22.14 -8.02 0.38
N GLY B 103 -22.97 -9.01 0.69
CA GLY B 103 -24.12 -8.75 1.53
C GLY B 103 -23.72 -8.28 2.93
N GLU B 104 -22.75 -8.95 3.53
CA GLU B 104 -22.19 -8.50 4.80
C GLU B 104 -21.19 -7.36 4.62
N GLY B 105 -21.07 -6.85 3.39
CA GLY B 105 -20.21 -5.71 3.16
C GLY B 105 -20.65 -4.47 3.93
N GLY B 106 -21.94 -4.17 3.88
CA GLY B 106 -22.44 -3.04 4.61
C GLY B 106 -23.02 -1.97 3.72
N GLY B 107 -23.52 -2.36 2.56
CA GLY B 107 -24.11 -1.39 1.66
C GLY B 107 -23.09 -0.64 0.85
N LEU B 108 -23.34 -0.49 -0.45
CA LEU B 108 -22.39 0.18 -1.32
C LEU B 108 -22.24 1.64 -0.93
N ASP B 109 -21.00 2.11 -0.94
CA ASP B 109 -20.69 3.51 -0.64
C ASP B 109 -20.46 4.22 -1.96
N GLU B 110 -21.30 5.20 -2.25
CA GLU B 110 -21.20 5.87 -3.54
C GLU B 110 -20.02 6.83 -3.58
N GLU B 111 -19.64 7.38 -2.44
CA GLU B 111 -18.52 8.31 -2.39
C GLU B 111 -17.21 7.62 -2.75
N THR B 112 -17.01 6.40 -2.24
CA THR B 112 -15.81 5.64 -2.53
C THR B 112 -15.92 4.93 -3.89
N GLY B 113 -16.93 4.10 -4.05
CA GLY B 113 -17.13 3.38 -5.29
C GLY B 113 -17.38 1.91 -5.06
N ASP B 114 -17.22 1.47 -3.82
CA ASP B 114 -17.42 0.07 -3.48
C ASP B 114 -18.14 -0.02 -2.14
N VAL B 115 -18.15 -1.22 -1.57
CA VAL B 115 -18.92 -1.46 -0.36
C VAL B 115 -18.33 -0.67 0.80
N LYS B 116 -19.21 -0.25 1.71
CA LYS B 116 -18.76 0.18 3.01
C LYS B 116 -18.08 -0.98 3.72
N TYR B 117 -17.37 -0.67 4.80
CA TYR B 117 -16.62 -1.68 5.54
C TYR B 117 -15.66 -2.44 4.63
N ARG B 118 -15.11 -1.75 3.63
CA ARG B 118 -14.20 -2.37 2.67
C ARG B 118 -12.83 -2.65 3.24
N SER B 119 -12.54 -2.17 4.45
CA SER B 119 -11.23 -2.32 5.07
C SER B 119 -11.38 -2.85 6.48
N SER B 120 -12.20 -3.89 6.65
CA SER B 120 -12.54 -4.36 7.99
C SER B 120 -11.55 -5.37 8.55
N THR B 121 -10.86 -6.14 7.69
CA THR B 121 -9.82 -7.08 8.10
C THR B 121 -10.36 -8.21 8.96
N ASP B 122 -11.66 -8.25 9.20
CA ASP B 122 -12.24 -9.28 10.05
C ASP B 122 -13.51 -9.92 9.53
N ILE B 123 -14.26 -9.27 8.65
CA ILE B 123 -15.47 -9.88 8.10
C ILE B 123 -15.11 -11.11 7.28
N SER B 124 -14.10 -11.00 6.43
CA SER B 124 -13.72 -12.14 5.61
C SER B 124 -13.18 -13.27 6.46
N ALA B 125 -12.38 -12.95 7.48
CA ALA B 125 -11.85 -13.98 8.37
C ALA B 125 -12.92 -14.59 9.25
N ARG B 126 -14.04 -13.90 9.43
CA ARG B 126 -15.14 -14.43 10.22
C ARG B 126 -16.10 -15.28 9.39
N LEU B 127 -16.22 -15.03 8.08
CA LEU B 127 -17.14 -15.79 7.25
C LEU B 127 -16.48 -16.89 6.44
N MET B 128 -15.17 -16.83 6.22
CA MET B 128 -14.49 -17.83 5.40
C MET B 128 -13.52 -18.69 6.18
N ILE B 129 -12.90 -18.17 7.23
CA ILE B 129 -12.00 -18.97 8.04
C ILE B 129 -12.71 -19.61 9.22
N ASN B 130 -13.57 -18.85 9.91
CA ASN B 130 -14.24 -19.38 11.09
C ASN B 130 -15.23 -20.47 10.73
N GLU B 131 -16.11 -20.22 9.76
CA GLU B 131 -17.02 -21.28 9.32
C GLU B 131 -16.40 -22.20 8.30
N GLY B 132 -15.16 -21.94 7.88
CA GLY B 132 -14.50 -22.86 6.97
C GLY B 132 -15.04 -22.85 5.56
N ARG B 133 -15.75 -21.80 5.17
CA ARG B 133 -16.17 -21.70 3.77
C ARG B 133 -14.96 -21.64 2.84
N ALA B 134 -13.87 -21.05 3.30
CA ALA B 134 -12.66 -21.00 2.49
C ALA B 134 -12.08 -22.39 2.28
N LYS B 135 -12.15 -23.25 3.30
CA LYS B 135 -11.65 -24.62 3.13
C LYS B 135 -12.50 -25.39 2.11
N GLU B 136 -13.82 -25.21 2.17
CA GLU B 136 -14.67 -25.85 1.17
C GLU B 136 -14.38 -25.32 -0.23
N LEU B 137 -14.17 -24.01 -0.34
CA LEU B 137 -13.82 -23.43 -1.64
C LEU B 137 -12.51 -24.00 -2.14
N ARG B 138 -11.52 -24.14 -1.26
CA ARG B 138 -10.23 -24.70 -1.67
C ARG B 138 -10.38 -26.14 -2.12
N GLU B 139 -11.19 -26.91 -1.41
CA GLU B 139 -11.44 -28.29 -1.83
C GLU B 139 -12.11 -28.34 -3.19
N VAL B 140 -13.06 -27.44 -3.45
CA VAL B 140 -13.69 -27.39 -4.76
C VAL B 140 -12.68 -27.02 -5.83
N ILE B 141 -11.80 -26.05 -5.53
CA ILE B 141 -10.78 -25.64 -6.50
C ILE B 141 -9.88 -26.82 -6.85
N THR B 142 -9.40 -27.52 -5.82
CA THR B 142 -8.50 -28.64 -6.04
C THR B 142 -9.20 -29.77 -6.79
N LYS B 143 -10.43 -30.09 -6.41
CA LYS B 143 -11.17 -31.14 -7.09
C LYS B 143 -11.42 -30.80 -8.55
N THR B 144 -11.82 -29.57 -8.84
CA THR B 144 -12.09 -29.20 -10.22
C THR B 144 -10.82 -29.13 -11.04
N LYS B 145 -9.70 -28.71 -10.44
CA LYS B 145 -8.43 -28.73 -11.16
C LYS B 145 -8.03 -30.16 -11.50
N ALA B 146 -8.17 -31.06 -10.52
CA ALA B 146 -7.81 -32.46 -10.77
C ALA B 146 -8.71 -33.08 -11.84
N GLU B 147 -10.01 -32.80 -11.79
CA GLU B 147 -10.92 -33.38 -12.77
C GLU B 147 -10.72 -32.77 -14.15
N LEU B 148 -10.35 -31.50 -14.23
CA LEU B 148 -10.00 -30.90 -15.51
C LEU B 148 -8.75 -31.55 -16.08
N LEU B 149 -7.74 -31.78 -15.22
CA LEU B 149 -6.51 -32.42 -15.69
C LEU B 149 -6.77 -33.84 -16.17
N THR B 150 -7.78 -34.51 -15.62
CA THR B 150 -8.08 -35.86 -16.05
C THR B 150 -8.51 -35.90 -17.51
N LEU B 151 -9.31 -34.92 -17.94
CA LEU B 151 -9.80 -34.90 -19.31
C LEU B 151 -8.68 -34.69 -20.31
N THR B 152 -7.58 -34.05 -19.91
CA THR B 152 -6.48 -33.76 -20.82
C THR B 152 -5.19 -34.47 -20.40
N ASN B 153 -4.67 -34.17 -19.21
CA ASN B 153 -3.43 -34.73 -18.68
C ASN B 153 -2.20 -34.35 -19.51
N ASN B 154 -2.39 -33.56 -20.57
CA ASN B 154 -1.29 -33.12 -21.41
C ASN B 154 -0.93 -31.66 -21.17
N GLU B 155 -1.89 -30.75 -21.33
CA GLU B 155 -1.64 -29.34 -21.08
C GLU B 155 -1.65 -29.08 -19.59
N ILE B 156 -1.01 -27.98 -19.20
CA ILE B 156 -0.84 -27.65 -17.79
C ILE B 156 -1.63 -26.39 -17.47
N ASN B 157 -2.37 -26.42 -16.37
CA ASN B 157 -3.32 -25.37 -16.03
C ASN B 157 -2.71 -24.46 -14.97
N LEU B 158 -1.86 -23.54 -15.41
CA LEU B 158 -1.27 -22.60 -14.47
C LEU B 158 -2.23 -21.47 -14.15
N THR B 159 -3.45 -21.82 -13.85
CA THR B 159 -4.36 -20.85 -13.26
C THR B 159 -5.08 -21.40 -12.04
N LEU B 160 -5.54 -22.65 -12.09
CA LEU B 160 -6.35 -23.21 -11.01
C LEU B 160 -5.41 -23.88 -10.04
N GLU B 161 -5.15 -23.21 -8.92
CA GLU B 161 -4.21 -23.73 -7.95
C GLU B 161 -4.41 -23.08 -6.59
N ALA B 162 -4.75 -23.88 -5.59
CA ALA B 162 -4.88 -23.42 -4.21
C ALA B 162 -3.64 -23.77 -3.39
N GLU B 163 -2.47 -23.66 -4.00
CA GLU B 163 -1.24 -23.99 -3.31
C GLU B 163 -0.96 -23.01 -2.18
N ASP B 164 -0.46 -23.53 -1.07
CA ASP B 164 -0.08 -22.68 0.04
C ASP B 164 1.14 -21.85 -0.34
N PRO B 165 1.23 -20.60 0.12
CA PRO B 165 2.40 -19.79 -0.19
C PRO B 165 3.64 -20.29 0.52
N ALA B 166 4.79 -20.03 -0.08
CA ALA B 166 6.05 -20.44 0.52
C ALA B 166 6.24 -19.73 1.86
N PRO B 167 6.69 -20.42 2.89
CA PRO B 167 6.80 -19.80 4.21
C PRO B 167 7.80 -18.67 4.21
N ARG B 168 7.52 -17.66 5.04
CA ARG B 168 8.39 -16.50 5.18
C ARG B 168 8.46 -16.11 6.65
N GLY B 169 9.67 -15.79 7.10
CA GLY B 169 9.86 -15.45 8.50
C GLY B 169 9.60 -16.61 9.44
N GLY B 170 9.91 -17.83 9.02
CA GLY B 170 9.76 -18.99 9.88
C GLY B 170 8.34 -19.49 9.98
N ILE B 171 7.37 -18.58 9.95
CA ILE B 171 5.98 -18.98 10.06
C ILE B 171 5.49 -19.50 8.71
N LYS B 172 4.36 -20.19 8.75
CA LYS B 172 3.76 -20.79 7.57
C LYS B 172 2.29 -20.43 7.52
N LYS B 173 1.77 -20.24 6.32
CA LYS B 173 0.38 -19.87 6.10
C LYS B 173 -0.28 -20.89 5.19
N THR B 174 -1.59 -21.01 5.33
CA THR B 174 -2.39 -21.81 4.42
C THR B 174 -3.03 -20.91 3.36
N TRP B 175 -3.51 -21.55 2.29
CA TRP B 175 -4.09 -20.80 1.19
C TRP B 175 -5.29 -19.98 1.67
N GLU B 176 -6.16 -20.59 2.47
CA GLU B 176 -7.31 -19.86 2.97
C GLU B 176 -6.90 -18.76 3.94
N GLN B 177 -5.85 -18.98 4.72
CA GLN B 177 -5.39 -17.95 5.64
C GLN B 177 -4.62 -16.85 4.91
N ALA B 178 -4.15 -17.13 3.69
CA ALA B 178 -3.43 -16.14 2.89
C ALA B 178 -4.36 -15.32 2.01
N ASN B 179 -5.44 -15.90 1.52
CA ASN B 179 -6.35 -15.20 0.63
C ASN B 179 -7.48 -14.49 1.37
N PHE B 180 -7.97 -15.07 2.46
CA PHE B 180 -9.09 -14.51 3.20
C PHE B 180 -8.80 -14.37 4.69
N GLY B 181 -7.58 -14.58 5.12
CA GLY B 181 -7.26 -14.68 6.52
C GLY B 181 -7.22 -13.35 7.24
N ASP B 182 -6.38 -13.28 8.25
CA ASP B 182 -6.24 -12.06 9.04
C ASP B 182 -5.41 -11.02 8.30
N GLY B 183 -5.80 -9.76 8.47
CA GLY B 183 -5.15 -8.67 7.79
C GLY B 183 -5.64 -8.41 6.39
N ILE B 184 -6.42 -9.32 5.81
CA ILE B 184 -6.94 -9.15 4.46
C ILE B 184 -8.21 -8.30 4.53
N PRO B 185 -8.23 -7.13 3.90
CA PRO B 185 -9.46 -6.33 3.92
C PRO B 185 -10.57 -7.01 3.14
N LEU B 186 -11.80 -6.59 3.41
CA LEU B 186 -12.94 -7.19 2.75
C LEU B 186 -12.89 -6.98 1.25
N THR B 187 -12.44 -5.79 0.82
CA THR B 187 -12.33 -5.55 -0.62
C THR B 187 -11.28 -6.45 -1.26
N ALA B 188 -10.18 -6.72 -0.54
CA ALA B 188 -9.18 -7.64 -1.05
C ALA B 188 -9.74 -9.05 -1.17
N ALA B 189 -10.60 -9.45 -0.22
CA ALA B 189 -11.20 -10.77 -0.27
C ALA B 189 -12.18 -10.91 -1.43
N ILE B 190 -12.99 -9.87 -1.67
CA ILE B 190 -13.88 -9.91 -2.84
C ILE B 190 -13.06 -9.96 -4.12
N THR B 191 -11.95 -9.22 -4.16
CA THR B 191 -11.07 -9.27 -5.31
C THR B 191 -10.45 -10.65 -5.47
N ALA B 192 -10.16 -11.33 -4.36
CA ALA B 192 -9.59 -12.66 -4.43
C ALA B 192 -10.61 -13.66 -4.97
N LEU B 193 -11.87 -13.50 -4.58
CA LEU B 193 -12.91 -14.35 -5.17
C LEU B 193 -13.08 -14.08 -6.65
N GLU B 194 -13.03 -12.82 -7.06
CA GLU B 194 -13.05 -12.49 -8.48
C GLU B 194 -11.84 -13.05 -9.21
N LYS B 195 -10.68 -13.07 -8.55
CA LYS B 195 -9.49 -13.68 -9.13
C LYS B 195 -9.68 -15.18 -9.30
N ILE B 196 -10.29 -15.84 -8.33
CA ILE B 196 -10.54 -17.28 -8.45
C ILE B 196 -11.50 -17.54 -9.59
N ASN B 197 -12.51 -16.69 -9.76
CA ASN B 197 -13.41 -16.82 -10.89
C ASN B 197 -12.69 -16.65 -12.21
N ALA B 198 -11.80 -15.65 -12.28
CA ALA B 198 -11.02 -15.43 -13.50
C ALA B 198 -10.10 -16.60 -13.80
N ASP B 199 -9.48 -17.16 -12.75
CA ASP B 199 -8.61 -18.31 -12.92
C ASP B 199 -9.40 -19.52 -13.43
N ALA B 200 -10.61 -19.72 -12.90
CA ALA B 200 -11.45 -20.79 -13.38
C ALA B 200 -11.82 -20.60 -14.85
N LYS B 201 -12.16 -19.38 -15.24
CA LYS B 201 -12.50 -19.13 -16.64
C LYS B 201 -11.30 -19.31 -17.56
N ASN B 202 -10.12 -18.88 -17.11
CA ASN B 202 -8.91 -19.09 -17.90
C ASN B 202 -8.62 -20.57 -18.07
N ALA B 203 -8.74 -21.34 -16.98
CA ALA B 203 -8.51 -22.77 -17.06
C ALA B 203 -9.53 -23.43 -17.99
N GLU B 204 -10.79 -23.01 -17.91
CA GLU B 204 -11.80 -23.56 -18.81
C GLU B 204 -11.48 -23.24 -20.26
N SER B 205 -11.04 -22.02 -20.54
CA SER B 205 -10.67 -21.65 -21.90
C SER B 205 -9.51 -22.50 -22.39
N ALA B 206 -8.50 -22.70 -21.54
CA ALA B 206 -7.34 -23.49 -21.92
C ALA B 206 -7.74 -24.93 -22.22
N VAL B 207 -8.56 -25.53 -21.36
CA VAL B 207 -8.91 -26.94 -21.57
C VAL B 207 -9.81 -27.08 -22.78
N VAL B 208 -10.73 -26.13 -23.00
CA VAL B 208 -11.60 -26.20 -24.17
C VAL B 208 -10.79 -26.05 -25.45
N LYS B 209 -9.84 -25.12 -25.44
CA LYS B 209 -8.98 -24.94 -26.61
C LYS B 209 -8.19 -26.20 -26.90
N HIS B 210 -7.63 -26.82 -25.87
CA HIS B 210 -6.87 -28.05 -26.08
C HIS B 210 -7.76 -29.18 -26.60
N ILE B 211 -8.95 -29.33 -26.01
CA ILE B 211 -9.85 -30.41 -26.41
C ILE B 211 -10.25 -30.24 -27.86
N PHE B 212 -10.61 -29.02 -28.25
CA PHE B 212 -10.96 -28.77 -29.64
C PHE B 212 -9.76 -28.89 -30.55
N GLY B 213 -8.55 -28.67 -30.02
CA GLY B 213 -7.34 -28.83 -30.82
C GLY B 213 -6.90 -30.27 -30.99
N LYS B 214 -7.45 -31.19 -30.19
CA LYS B 214 -7.20 -32.61 -30.46
C LYS B 214 -7.73 -33.06 -31.80
N MET B 215 -8.62 -32.30 -32.42
CA MET B 215 -9.06 -32.60 -33.77
C MET B 215 -9.44 -31.34 -34.53
N PHE C 9 35.58 19.82 20.30
CA PHE C 9 34.14 19.90 20.13
C PHE C 9 33.40 19.52 21.40
N GLY C 10 32.63 18.44 21.36
CA GLY C 10 31.92 18.00 22.56
C GLY C 10 30.90 16.94 22.22
N ILE C 11 29.97 16.72 23.16
CA ILE C 11 28.89 15.77 22.96
C ILE C 11 27.67 16.41 22.34
N ASN C 12 27.50 17.73 22.49
CA ASN C 12 26.42 18.43 21.83
C ASN C 12 26.62 18.47 20.32
N THR C 13 27.88 18.52 19.89
CA THR C 13 28.18 18.44 18.47
C THR C 13 27.70 17.13 17.87
N LEU C 14 27.90 16.03 18.58
CA LEU C 14 27.43 14.75 18.08
C LEU C 14 25.91 14.75 17.94
N ILE C 15 25.20 15.32 18.92
CA ILE C 15 23.74 15.37 18.86
C ILE C 15 23.27 16.18 17.67
N ASN C 16 23.89 17.35 17.45
CA ASN C 16 23.42 18.22 16.38
C ASN C 16 23.78 17.68 15.00
N TRP C 17 24.95 17.08 14.85
CA TRP C 17 25.27 16.51 13.53
C TRP C 17 24.48 15.24 13.30
N GLY C 18 24.12 14.51 14.35
CA GLY C 18 23.14 13.45 14.19
C GLY C 18 21.80 13.97 13.73
N ALA C 19 21.39 15.12 14.27
CA ALA C 19 20.17 15.76 13.79
C ALA C 19 20.28 16.10 12.32
N THR C 20 21.44 16.59 11.89
CA THR C 20 21.64 16.90 10.48
C THR C 20 21.51 15.66 9.61
N VAL C 21 22.14 14.56 10.03
CA VAL C 21 22.09 13.33 9.25
C VAL C 21 20.67 12.79 9.18
N VAL C 22 19.95 12.82 10.30
CA VAL C 22 18.57 12.33 10.32
C VAL C 22 17.67 13.22 9.47
N ILE C 23 17.88 14.54 9.52
CA ILE C 23 17.11 15.46 8.69
C ILE C 23 17.32 15.16 7.21
N ILE C 24 18.57 14.94 6.82
CA ILE C 24 18.85 14.67 5.40
C ILE C 24 18.23 13.34 4.98
N GLY C 25 18.31 12.32 5.84
CA GLY C 25 17.66 11.06 5.51
C GLY C 25 16.17 11.20 5.37
N LEU C 26 15.53 11.94 6.28
CA LEU C 26 14.09 12.15 6.20
C LEU C 26 13.71 12.93 4.95
N MET C 27 14.53 13.91 4.56
CA MET C 27 14.26 14.67 3.36
C MET C 27 14.34 13.79 2.13
N PHE C 28 15.34 12.92 2.06
CA PHE C 28 15.44 12.02 0.92
C PHE C 28 14.31 11.00 0.92
N LYS C 29 13.80 10.63 2.10
CA LYS C 29 12.69 9.69 2.15
C LYS C 29 11.38 10.33 1.73
N ILE C 30 11.11 11.54 2.20
CA ILE C 30 9.82 12.19 1.97
C ILE C 30 9.68 12.60 0.51
N LEU C 31 10.73 13.15 -0.08
CA LEU C 31 10.69 13.61 -1.46
C LEU C 31 10.97 12.50 -2.45
N HIS C 32 11.16 11.27 -1.98
CA HIS C 32 11.45 10.12 -2.84
C HIS C 32 12.67 10.37 -3.71
N LEU C 33 13.73 10.87 -3.09
CA LEU C 33 14.95 11.05 -3.87
C LEU C 33 15.67 9.72 -4.03
N LYS C 34 16.73 9.74 -4.84
CA LYS C 34 17.33 8.49 -5.30
C LYS C 34 17.85 7.63 -4.17
N GLY C 35 18.54 8.22 -3.21
CA GLY C 35 19.09 7.43 -2.12
C GLY C 35 18.20 7.30 -0.90
N GLY C 36 16.95 7.74 -0.97
CA GLY C 36 16.12 7.78 0.20
C GLY C 36 15.74 6.43 0.77
N GLU C 37 16.02 5.35 0.06
CA GLU C 37 15.64 4.03 0.54
C GLU C 37 16.53 3.54 1.68
N TRP C 38 17.82 3.86 1.65
CA TRP C 38 18.75 3.43 2.68
C TRP C 38 19.29 4.58 3.52
N MET C 39 19.19 5.82 3.07
CA MET C 39 19.57 6.92 3.94
C MET C 39 18.66 7.01 5.16
N ILE C 40 17.42 6.53 5.04
CA ILE C 40 16.59 6.43 6.23
C ILE C 40 17.15 5.42 7.20
N GLY C 41 17.74 4.33 6.69
CA GLY C 41 18.42 3.38 7.57
C GLY C 41 19.65 3.97 8.23
N VAL C 42 20.40 4.78 7.47
CA VAL C 42 21.56 5.44 8.06
C VAL C 42 21.12 6.41 9.16
N GLY C 43 20.06 7.18 8.91
CA GLY C 43 19.52 8.04 9.94
C GLY C 43 18.99 7.27 11.14
N LEU C 44 18.42 6.09 10.91
CA LEU C 44 17.99 5.25 12.02
C LEU C 44 19.18 4.75 12.83
N ALA C 45 20.28 4.39 12.17
CA ALA C 45 21.49 4.02 12.90
C ALA C 45 21.98 5.18 13.75
N VAL C 46 21.99 6.39 13.19
CA VAL C 46 22.39 7.56 13.95
C VAL C 46 21.46 7.78 15.13
N GLU C 47 20.16 7.57 14.93
CA GLU C 47 19.22 7.84 16.01
C GLU C 47 19.34 6.79 17.11
N ALA C 48 19.66 5.55 16.76
CA ALA C 48 19.98 4.56 17.76
C ALA C 48 21.22 4.96 18.54
N LEU C 49 22.22 5.49 17.85
CA LEU C 49 23.42 5.94 18.54
C LEU C 49 23.11 7.07 19.52
N LEU C 50 22.25 8.01 19.13
CA LEU C 50 21.89 9.07 20.07
C LEU C 50 21.00 8.57 21.21
N PHE C 51 20.15 7.56 20.99
CA PHE C 51 19.46 6.97 22.12
C PHE C 51 20.44 6.35 23.10
N PHE C 52 21.44 5.65 22.59
CA PHE C 52 22.47 5.07 23.44
C PHE C 52 23.24 6.15 24.21
N ILE C 53 23.68 7.19 23.50
CA ILE C 53 24.45 8.25 24.13
C ILE C 53 23.61 8.99 25.17
N MET C 54 22.35 9.27 24.87
CA MET C 54 21.47 9.90 25.83
C MET C 54 21.17 9.00 27.00
N GLY C 55 21.15 7.68 26.79
CA GLY C 55 21.02 6.78 27.93
C GLY C 55 22.18 6.91 28.89
N PHE C 56 23.40 7.07 28.35
CA PHE C 56 24.52 7.36 29.24
C PHE C 56 24.39 8.74 29.88
N MET C 57 24.14 9.77 29.09
CA MET C 57 24.14 11.14 29.59
C MET C 57 23.02 11.39 30.60
N GLN C 58 21.95 10.61 30.56
CA GLN C 58 20.87 10.76 31.52
C GLN C 58 21.21 10.18 32.88
N ALA C 59 22.25 9.36 32.97
CA ALA C 59 22.66 8.74 34.22
C ALA C 59 23.51 9.65 35.08
N GLU C 60 23.89 10.84 34.60
CA GLU C 60 24.69 11.76 35.40
C GLU C 60 23.92 12.19 36.64
N GLN C 61 24.58 12.15 37.79
CA GLN C 61 23.96 12.55 39.03
C GLN C 61 23.89 14.06 39.12
N GLU C 62 22.69 14.61 39.19
CA GLU C 62 22.54 16.03 39.45
C GLU C 62 23.04 16.36 40.86
N PRO C 63 23.64 17.52 41.04
CA PRO C 63 24.14 17.89 42.38
C PRO C 63 22.99 18.00 43.37
N ASP C 64 22.99 17.10 44.35
CA ASP C 64 21.94 17.09 45.36
C ASP C 64 22.10 18.28 46.30
N TRP C 65 21.03 19.04 46.48
CA TRP C 65 21.00 20.15 47.42
C TRP C 65 20.32 19.77 48.73
N THR C 66 20.52 18.53 49.17
CA THR C 66 20.11 18.16 50.51
C THR C 66 20.98 18.83 51.57
N ARG C 67 22.10 19.43 51.17
CA ARG C 67 23.00 20.10 52.10
C ARG C 67 22.69 21.60 52.18
N VAL C 68 21.44 21.88 52.56
CA VAL C 68 20.99 23.26 52.72
C VAL C 68 19.82 23.29 53.71
N LYS D 6 30.47 9.72 38.90
CA LYS D 6 29.25 10.52 39.06
C LYS D 6 28.12 9.98 38.20
N PHE D 7 28.23 8.71 37.83
CA PHE D 7 27.23 8.04 37.00
C PHE D 7 26.51 6.99 37.83
N LYS D 8 25.19 7.06 37.86
CA LYS D 8 24.37 6.02 38.47
C LYS D 8 23.34 5.56 37.45
N PHE D 9 23.30 4.25 37.21
CA PHE D 9 22.38 3.70 36.23
C PHE D 9 21.07 3.33 36.90
N GLY D 10 19.97 3.64 36.23
CA GLY D 10 18.65 3.40 36.75
C GLY D 10 17.78 2.69 35.75
N ILE D 11 16.47 2.95 35.87
CA ILE D 11 15.51 2.37 34.95
C ILE D 11 15.40 3.17 33.65
N ASN D 12 15.74 4.46 33.69
CA ASN D 12 15.64 5.29 32.49
C ASN D 12 16.73 4.95 31.49
N THR D 13 17.97 4.77 31.96
CA THR D 13 19.04 4.36 31.07
C THR D 13 18.69 3.07 30.37
N LEU D 14 18.07 2.14 31.11
CA LEU D 14 17.71 0.86 30.52
C LEU D 14 16.61 1.04 29.48
N ILE D 15 15.74 2.02 29.68
CA ILE D 15 14.71 2.34 28.67
C ILE D 15 15.36 2.84 27.40
N ASN D 16 16.31 3.77 27.53
CA ASN D 16 16.95 4.31 26.34
C ASN D 16 17.72 3.22 25.60
N TRP D 17 18.34 2.30 26.33
CA TRP D 17 19.05 1.22 25.66
C TRP D 17 18.09 0.24 25.01
N GLY D 18 16.94 -0.01 25.62
CA GLY D 18 15.92 -0.79 24.94
C GLY D 18 15.47 -0.13 23.65
N ALA D 19 15.33 1.19 23.68
CA ALA D 19 14.99 1.93 22.47
C ALA D 19 16.09 1.77 21.42
N THR D 20 17.35 1.80 21.85
CA THR D 20 18.46 1.56 20.93
C THR D 20 18.32 0.21 20.25
N VAL D 21 17.97 -0.82 21.02
CA VAL D 21 17.79 -2.15 20.44
C VAL D 21 16.64 -2.16 19.44
N VAL D 22 15.53 -1.50 19.78
CA VAL D 22 14.39 -1.44 18.87
C VAL D 22 14.79 -0.76 17.57
N ILE D 23 15.56 0.33 17.68
CA ILE D 23 15.90 1.11 16.49
C ILE D 23 16.90 0.36 15.62
N ILE D 24 17.81 -0.40 16.24
CA ILE D 24 18.67 -1.27 15.44
C ILE D 24 17.85 -2.31 14.71
N GLY D 25 16.82 -2.85 15.38
CA GLY D 25 15.91 -3.75 14.69
C GLY D 25 15.20 -3.09 13.53
N LEU D 26 14.77 -1.84 13.72
CA LEU D 26 14.09 -1.10 12.66
C LEU D 26 15.01 -0.87 11.47
N MET D 27 16.27 -0.53 11.75
CA MET D 27 17.26 -0.36 10.68
C MET D 27 17.46 -1.66 9.93
N PHE D 28 17.53 -2.78 10.66
CA PHE D 28 17.68 -4.08 10.00
C PHE D 28 16.48 -4.41 9.15
N LYS D 29 15.27 -4.02 9.59
CA LYS D 29 14.08 -4.28 8.79
C LYS D 29 14.05 -3.41 7.54
N ILE D 30 14.45 -2.14 7.67
CA ILE D 30 14.44 -1.24 6.52
C ILE D 30 15.50 -1.60 5.51
N LEU D 31 16.68 -1.99 5.97
CA LEU D 31 17.77 -2.37 5.08
C LEU D 31 17.69 -3.83 4.65
N HIS D 32 16.64 -4.54 5.04
CA HIS D 32 16.40 -5.92 4.61
C HIS D 32 17.53 -6.85 5.03
N LEU D 33 18.11 -6.59 6.20
CA LEU D 33 19.07 -7.52 6.77
C LEU D 33 18.31 -8.69 7.40
N LYS D 34 19.07 -9.69 7.89
CA LYS D 34 18.45 -10.95 8.29
C LYS D 34 17.68 -10.82 9.60
N GLY D 35 18.38 -10.58 10.70
CA GLY D 35 17.75 -10.65 12.01
C GLY D 35 17.07 -9.38 12.46
N GLY D 36 16.05 -8.94 11.71
CA GLY D 36 15.43 -7.67 11.99
C GLY D 36 14.26 -7.71 12.93
N GLU D 37 13.28 -8.56 12.65
CA GLU D 37 12.07 -8.62 13.46
C GLU D 37 12.34 -9.17 14.87
N TRP D 38 13.38 -9.98 15.05
CA TRP D 38 13.67 -10.49 16.37
C TRP D 38 14.01 -9.37 17.33
N MET D 39 14.91 -8.46 16.92
CA MET D 39 15.25 -7.33 17.78
C MET D 39 14.08 -6.38 17.95
N ILE D 40 13.29 -6.16 16.89
CA ILE D 40 12.11 -5.31 17.04
C ILE D 40 11.21 -5.87 18.13
N GLY D 41 10.87 -7.15 18.04
CA GLY D 41 9.96 -7.74 19.02
C GLY D 41 10.53 -7.74 20.42
N VAL D 42 11.78 -8.18 20.57
CA VAL D 42 12.38 -8.27 21.90
C VAL D 42 12.51 -6.89 22.51
N GLY D 43 13.07 -5.94 21.77
CA GLY D 43 13.24 -4.60 22.31
C GLY D 43 11.93 -3.92 22.62
N LEU D 44 10.91 -4.12 21.77
CA LEU D 44 9.62 -3.48 22.04
C LEU D 44 8.94 -4.10 23.25
N ALA D 45 9.03 -5.42 23.40
CA ALA D 45 8.47 -6.04 24.59
C ALA D 45 9.19 -5.56 25.85
N VAL D 46 10.52 -5.48 25.80
CA VAL D 46 11.27 -5.03 26.96
C VAL D 46 10.97 -3.57 27.26
N GLU D 47 10.83 -2.75 26.22
CA GLU D 47 10.48 -1.34 26.43
C GLU D 47 9.09 -1.20 27.03
N ALA D 48 8.13 -1.98 26.56
CA ALA D 48 6.79 -1.94 27.13
C ALA D 48 6.82 -2.37 28.60
N LEU D 49 7.57 -3.42 28.91
CA LEU D 49 7.65 -3.87 30.29
C LEU D 49 8.31 -2.83 31.18
N LEU D 50 9.37 -2.19 30.69
CA LEU D 50 10.05 -1.17 31.50
C LEU D 50 9.17 0.06 31.69
N PHE D 51 8.39 0.43 30.68
CA PHE D 51 7.46 1.54 30.85
C PHE D 51 6.35 1.17 31.83
N PHE D 52 5.90 -0.09 31.79
CA PHE D 52 4.90 -0.54 32.76
C PHE D 52 5.44 -0.46 34.18
N ILE D 53 6.72 -0.80 34.37
CA ILE D 53 7.28 -0.84 35.71
C ILE D 53 7.30 0.54 36.33
N MET D 54 7.69 1.57 35.57
CA MET D 54 7.84 2.89 36.17
C MET D 54 6.51 3.49 36.60
N GLY D 55 5.40 2.96 36.11
CA GLY D 55 4.13 3.39 36.65
C GLY D 55 4.07 3.19 38.14
N PHE D 56 4.74 2.16 38.63
CA PHE D 56 4.77 1.84 40.05
C PHE D 56 5.99 2.49 40.71
N MET D 57 6.19 3.78 40.41
CA MET D 57 7.36 4.48 40.90
C MET D 57 7.04 5.96 41.07
N GLN D 58 7.88 6.63 41.86
CA GLN D 58 7.75 8.05 42.13
C GLN D 58 8.98 8.78 41.62
N ALA D 59 8.77 10.00 41.11
CA ALA D 59 9.85 10.86 40.64
C ALA D 59 9.82 12.16 41.42
N GLU D 60 10.99 12.61 41.87
CA GLU D 60 11.09 13.82 42.68
C GLU D 60 11.75 14.95 41.89
N LYS E 8 2.04 8.48 45.20
CA LYS E 8 0.74 8.11 44.65
C LYS E 8 0.82 7.89 43.15
N PHE E 9 -0.32 7.73 42.51
CA PHE E 9 -0.39 7.52 41.06
C PHE E 9 -0.70 8.86 40.41
N GLY E 10 0.36 9.58 40.02
CA GLY E 10 0.23 10.90 39.44
C GLY E 10 0.05 10.84 37.94
N ILE E 11 0.38 11.96 37.29
CA ILE E 11 0.29 12.03 35.83
C ILE E 11 1.41 11.25 35.16
N ASN E 12 2.54 11.03 35.85
CA ASN E 12 3.59 10.23 35.26
C ASN E 12 3.16 8.78 35.06
N THR E 13 2.33 8.26 35.97
CA THR E 13 1.83 6.90 35.80
C THR E 13 0.99 6.78 34.55
N LEU E 14 0.13 7.78 34.29
CA LEU E 14 -0.68 7.74 33.08
C LEU E 14 0.20 7.79 31.84
N ILE E 15 1.24 8.62 31.85
CA ILE E 15 2.14 8.70 30.70
C ILE E 15 2.81 7.36 30.46
N ASN E 16 3.30 6.73 31.52
CA ASN E 16 4.03 5.48 31.35
C ASN E 16 3.12 4.34 30.92
N TRP E 17 1.89 4.28 31.43
CA TRP E 17 1.01 3.21 31.01
C TRP E 17 0.44 3.46 29.62
N GLY E 18 0.20 4.71 29.24
CA GLY E 18 -0.09 4.99 27.86
C GLY E 18 1.06 4.61 26.96
N ALA E 19 2.29 4.80 27.43
CA ALA E 19 3.45 4.41 26.66
C ALA E 19 3.51 2.91 26.47
N THR E 20 3.23 2.14 27.52
CA THR E 20 3.29 0.68 27.37
C THR E 20 2.16 0.19 26.47
N VAL E 21 0.98 0.82 26.53
CA VAL E 21 -0.12 0.41 25.66
C VAL E 21 0.18 0.73 24.21
N VAL E 22 0.68 1.93 23.94
CA VAL E 22 0.98 2.29 22.55
C VAL E 22 2.16 1.49 22.03
N ILE E 23 3.11 1.11 22.89
CA ILE E 23 4.24 0.31 22.43
C ILE E 23 3.81 -1.12 22.12
N ILE E 24 2.90 -1.69 22.92
CA ILE E 24 2.37 -3.01 22.58
C ILE E 24 1.59 -2.96 21.28
N GLY E 25 0.76 -1.92 21.10
CA GLY E 25 0.06 -1.77 19.84
C GLY E 25 0.99 -1.64 18.66
N LEU E 26 2.08 -0.88 18.84
CA LEU E 26 3.07 -0.73 17.77
C LEU E 26 3.76 -2.05 17.47
N MET E 27 4.08 -2.84 18.51
CA MET E 27 4.71 -4.13 18.30
C MET E 27 3.81 -5.05 17.50
N PHE E 28 2.51 -5.01 17.77
CA PHE E 28 1.60 -5.84 16.99
C PHE E 28 1.37 -5.29 15.60
N LYS E 29 1.49 -3.97 15.40
CA LYS E 29 1.30 -3.41 14.08
C LYS E 29 2.49 -3.69 13.16
N ILE E 30 3.71 -3.51 13.67
CA ILE E 30 4.90 -3.68 12.84
C ILE E 30 5.08 -5.15 12.45
N LEU E 31 4.96 -6.05 13.42
CA LEU E 31 5.21 -7.46 13.19
C LEU E 31 4.05 -8.17 12.54
N HIS E 32 2.92 -7.50 12.33
CA HIS E 32 1.75 -8.07 11.68
C HIS E 32 1.21 -9.26 12.46
N LEU E 33 1.05 -9.07 13.76
CA LEU E 33 0.52 -10.11 14.62
C LEU E 33 -1.01 -10.12 14.49
N LYS E 34 -1.67 -10.88 15.35
CA LYS E 34 -3.08 -11.18 15.18
C LYS E 34 -3.96 -9.93 15.17
N GLY E 35 -4.01 -9.20 16.26
CA GLY E 35 -4.86 -8.04 16.32
C GLY E 35 -4.10 -6.76 16.14
N GLY E 36 -3.10 -6.76 15.26
CA GLY E 36 -2.24 -5.60 15.14
C GLY E 36 -2.97 -4.36 14.67
N GLU E 37 -3.97 -4.52 13.80
CA GLU E 37 -4.56 -3.37 13.13
C GLU E 37 -5.31 -2.46 14.10
N TRP E 38 -6.10 -3.02 15.00
CA TRP E 38 -6.87 -2.20 15.91
C TRP E 38 -6.11 -1.81 17.15
N MET E 39 -5.02 -2.51 17.48
CA MET E 39 -4.26 -2.16 18.67
C MET E 39 -3.45 -0.91 18.47
N ILE E 40 -2.94 -0.65 17.26
CA ILE E 40 -2.31 0.62 16.99
C ILE E 40 -3.32 1.75 17.05
N GLY E 41 -4.59 1.46 16.78
CA GLY E 41 -5.64 2.46 16.96
C GLY E 41 -5.92 2.75 18.43
N VAL E 42 -6.02 1.73 19.25
CA VAL E 42 -6.23 1.94 20.68
C VAL E 42 -5.00 2.58 21.30
N GLY E 43 -3.81 2.13 20.91
CA GLY E 43 -2.60 2.71 21.44
C GLY E 43 -2.44 4.17 21.07
N LEU E 44 -2.76 4.52 19.82
CA LEU E 44 -2.64 5.91 19.40
C LEU E 44 -3.71 6.79 20.04
N ALA E 45 -4.89 6.23 20.32
CA ALA E 45 -5.94 7.00 20.97
C ALA E 45 -5.58 7.33 22.41
N VAL E 46 -4.83 6.46 23.09
CA VAL E 46 -4.43 6.75 24.46
C VAL E 46 -3.39 7.86 24.49
N GLU E 47 -2.42 7.84 23.57
CA GLU E 47 -1.45 8.92 23.52
C GLU E 47 -2.12 10.24 23.16
N ALA E 48 -3.07 10.21 22.22
CA ALA E 48 -3.83 11.41 21.88
C ALA E 48 -4.62 11.91 23.08
N LEU E 49 -5.20 11.00 23.85
CA LEU E 49 -5.94 11.39 25.03
C LEU E 49 -5.03 12.02 26.07
N LEU E 50 -3.83 11.48 26.24
CA LEU E 50 -2.89 12.07 27.21
C LEU E 50 -2.47 13.47 26.77
N PHE E 51 -2.20 13.65 25.48
CA PHE E 51 -1.86 14.97 24.96
C PHE E 51 -3.00 15.94 25.20
N PHE E 52 -4.23 15.49 24.98
CA PHE E 52 -5.39 16.33 25.28
C PHE E 52 -5.46 16.66 26.76
N ILE E 53 -5.17 15.67 27.62
CA ILE E 53 -5.36 15.83 29.05
C ILE E 53 -4.41 16.88 29.61
N MET E 54 -3.11 16.75 29.32
CA MET E 54 -2.23 17.75 29.93
C MET E 54 -2.16 19.04 29.12
N GLY E 55 -2.97 19.17 28.08
CA GLY E 55 -3.25 20.51 27.61
C GLY E 55 -3.99 21.35 28.63
N PHE E 56 -4.55 20.72 29.66
CA PHE E 56 -5.27 21.40 30.74
C PHE E 56 -4.36 21.81 31.89
N MET E 57 -3.06 21.57 31.78
CA MET E 57 -2.14 21.90 32.86
C MET E 57 -1.16 23.00 32.47
N LYS F 8 -5.66 27.57 33.09
CA LYS F 8 -4.58 28.34 32.48
C LYS F 8 -4.87 28.60 31.00
N PHE F 9 -4.90 27.54 30.21
CA PHE F 9 -5.21 27.62 28.78
C PHE F 9 -4.24 28.55 28.05
N GLY F 10 -2.97 28.49 28.42
CA GLY F 10 -1.95 29.35 27.85
C GLY F 10 -1.54 28.93 26.46
N ILE F 11 -0.28 29.23 26.12
CA ILE F 11 0.25 28.86 24.82
C ILE F 11 0.56 27.38 24.77
N ASN F 12 0.76 26.74 25.92
CA ASN F 12 1.07 25.32 25.95
C ASN F 12 -0.15 24.46 25.67
N THR F 13 -1.35 24.99 25.89
CA THR F 13 -2.55 24.24 25.57
C THR F 13 -2.67 24.01 24.07
N LEU F 14 -2.31 25.02 23.27
CA LEU F 14 -2.41 24.85 21.83
C LEU F 14 -1.41 23.82 21.31
N ILE F 15 -0.18 23.81 21.84
CA ILE F 15 0.79 22.86 21.32
C ILE F 15 0.49 21.44 21.76
N ASN F 16 -0.35 21.25 22.77
CA ASN F 16 -0.77 19.92 23.16
C ASN F 16 -2.03 19.48 22.42
N TRP F 17 -3.00 20.38 22.26
CA TRP F 17 -4.20 20.01 21.52
C TRP F 17 -3.93 19.88 20.03
N GLY F 18 -2.94 20.60 19.50
CA GLY F 18 -2.52 20.34 18.14
C GLY F 18 -1.93 18.96 17.99
N ALA F 19 -1.14 18.53 18.97
CA ALA F 19 -0.63 17.16 18.96
C ALA F 19 -1.75 16.16 19.04
N THR F 20 -2.74 16.41 19.89
CA THR F 20 -3.91 15.52 19.97
C THR F 20 -4.61 15.41 18.63
N VAL F 21 -4.83 16.54 17.97
CA VAL F 21 -5.55 16.54 16.70
C VAL F 21 -4.76 15.81 15.64
N VAL F 22 -3.45 16.06 15.55
CA VAL F 22 -2.68 15.44 14.49
C VAL F 22 -2.51 13.95 14.76
N ILE F 23 -2.46 13.54 16.03
CA ILE F 23 -2.37 12.13 16.35
C ILE F 23 -3.68 11.41 16.05
N ILE F 24 -4.81 12.04 16.34
CA ILE F 24 -6.08 11.43 15.97
C ILE F 24 -6.20 11.33 14.46
N GLY F 25 -5.69 12.33 13.74
CA GLY F 25 -5.66 12.22 12.29
C GLY F 25 -4.79 11.08 11.81
N LEU F 26 -3.64 10.88 12.45
CA LEU F 26 -2.77 9.76 12.11
C LEU F 26 -3.46 8.43 12.37
N MET F 27 -4.17 8.33 13.50
CA MET F 27 -4.93 7.13 13.81
C MET F 27 -5.99 6.87 12.74
N PHE F 28 -6.71 7.92 12.34
CA PHE F 28 -7.73 7.76 11.31
C PHE F 28 -7.12 7.34 9.98
N LYS F 29 -5.97 7.89 9.64
CA LYS F 29 -5.36 7.55 8.36
C LYS F 29 -4.80 6.14 8.36
N ILE F 30 -4.30 5.66 9.50
CA ILE F 30 -3.81 4.29 9.58
C ILE F 30 -4.97 3.29 9.48
N LEU F 31 -6.08 3.59 10.13
CA LEU F 31 -7.25 2.71 10.10
C LEU F 31 -8.06 2.86 8.82
N HIS F 32 -7.65 3.73 7.91
CA HIS F 32 -8.33 3.97 6.64
C HIS F 32 -9.73 4.52 6.85
N LEU F 33 -9.92 5.30 7.90
CA LEU F 33 -11.15 6.03 8.10
C LEU F 33 -11.12 7.33 7.31
N LYS F 34 -12.29 7.92 7.11
CA LYS F 34 -12.48 8.98 6.12
C LYS F 34 -11.66 10.23 6.41
N GLY F 35 -11.98 10.93 7.49
CA GLY F 35 -11.42 12.26 7.68
C GLY F 35 -9.99 12.29 8.17
N GLY F 36 -9.20 11.27 7.83
CA GLY F 36 -7.85 11.19 8.34
C GLY F 36 -6.95 12.30 7.85
N GLU F 37 -6.98 12.57 6.55
CA GLU F 37 -6.08 13.58 5.98
C GLU F 37 -6.44 14.97 6.45
N TRP F 38 -7.73 15.25 6.63
CA TRP F 38 -8.15 16.60 6.97
C TRP F 38 -7.79 16.95 8.40
N MET F 39 -7.77 15.99 9.31
CA MET F 39 -7.41 16.30 10.69
C MET F 39 -5.92 16.50 10.84
N ILE F 40 -5.11 15.71 10.12
CA ILE F 40 -3.68 15.97 10.09
C ILE F 40 -3.42 17.36 9.57
N GLY F 41 -4.16 17.79 8.55
CA GLY F 41 -3.98 19.12 8.00
C GLY F 41 -4.20 20.21 9.04
N VAL F 42 -5.29 20.11 9.80
CA VAL F 42 -5.60 21.14 10.78
C VAL F 42 -4.60 21.10 11.93
N GLY F 43 -4.22 19.90 12.38
CA GLY F 43 -3.22 19.82 13.43
C GLY F 43 -1.87 20.38 13.00
N LEU F 44 -1.47 20.10 11.76
CA LEU F 44 -0.23 20.65 11.25
C LEU F 44 -0.33 22.15 11.05
N ALA F 45 -1.52 22.65 10.69
CA ALA F 45 -1.69 24.11 10.59
C ALA F 45 -1.49 24.76 11.94
N VAL F 46 -2.10 24.20 12.99
CA VAL F 46 -1.93 24.74 14.33
C VAL F 46 -0.47 24.66 14.75
N GLU F 47 0.18 23.52 14.50
CA GLU F 47 1.56 23.37 14.93
C GLU F 47 2.49 24.32 14.17
N ALA F 48 2.25 24.52 12.88
CA ALA F 48 3.07 25.46 12.11
C ALA F 48 2.86 26.88 12.58
N LEU F 49 1.61 27.25 12.88
CA LEU F 49 1.35 28.60 13.35
C LEU F 49 1.96 28.83 14.73
N LEU F 50 2.01 27.81 15.58
CA LEU F 50 2.71 27.94 16.85
C LEU F 50 4.21 27.98 16.69
N PHE F 51 4.76 27.24 15.72
CA PHE F 51 6.20 27.32 15.48
C PHE F 51 6.59 28.70 15.00
N PHE F 52 5.76 29.31 14.15
CA PHE F 52 6.04 30.67 13.71
C PHE F 52 6.00 31.63 14.89
N ILE F 53 5.01 31.50 15.77
CA ILE F 53 4.86 32.42 16.87
C ILE F 53 6.03 32.30 17.84
N MET F 54 6.45 31.08 18.16
CA MET F 54 7.54 30.92 19.12
C MET F 54 8.89 31.36 18.56
N GLY F 55 8.98 31.64 17.27
CA GLY F 55 10.17 32.29 16.74
C GLY F 55 10.31 33.73 17.18
N PHE F 56 9.23 34.34 17.65
CA PHE F 56 9.25 35.69 18.20
C PHE F 56 9.31 35.62 19.72
N MET F 57 10.41 35.07 20.23
CA MET F 57 10.59 34.96 21.67
C MET F 57 12.02 35.30 22.08
N PHE G 9 16.40 37.75 17.64
CA PHE G 9 16.27 36.96 16.42
C PHE G 9 17.50 36.10 16.19
N GLY G 10 17.85 35.29 17.18
CA GLY G 10 19.05 34.48 17.11
C GLY G 10 18.95 33.29 16.18
N ILE G 11 19.82 32.30 16.39
CA ILE G 11 19.74 31.08 15.60
C ILE G 11 18.49 30.29 15.91
N ASN G 12 17.90 30.50 17.09
CA ASN G 12 16.70 29.75 17.46
C ASN G 12 15.50 30.13 16.61
N THR G 13 15.42 31.38 16.18
CA THR G 13 14.31 31.81 15.35
C THR G 13 14.30 31.05 14.02
N LEU G 14 15.47 30.90 13.40
CA LEU G 14 15.54 30.17 12.15
C LEU G 14 15.31 28.68 12.36
N ILE G 15 15.57 28.16 13.56
CA ILE G 15 15.24 26.78 13.86
C ILE G 15 13.73 26.58 13.85
N ASN G 16 12.98 27.57 14.32
CA ASN G 16 11.52 27.46 14.34
C ASN G 16 10.92 27.79 12.99
N TRP G 17 11.33 28.90 12.39
CA TRP G 17 10.75 29.30 11.11
C TRP G 17 11.07 28.29 10.02
N GLY G 18 12.26 27.70 10.05
CA GLY G 18 12.56 26.62 9.13
C GLY G 18 11.70 25.40 9.35
N ALA G 19 11.21 25.19 10.57
CA ALA G 19 10.25 24.13 10.84
C ALA G 19 8.85 24.48 10.36
N THR G 20 8.49 25.76 10.41
CA THR G 20 7.19 26.19 9.90
C THR G 20 7.07 25.87 8.41
N VAL G 21 8.12 26.13 7.64
CA VAL G 21 8.09 25.82 6.22
C VAL G 21 7.94 24.32 6.00
N VAL G 22 8.65 23.51 6.77
CA VAL G 22 8.55 22.06 6.63
C VAL G 22 7.14 21.58 6.93
N ILE G 23 6.55 22.12 8.00
CA ILE G 23 5.22 21.66 8.41
C ILE G 23 4.16 22.13 7.43
N ILE G 24 4.33 23.33 6.86
CA ILE G 24 3.38 23.77 5.84
C ILE G 24 3.53 22.93 4.57
N GLY G 25 4.76 22.57 4.22
CA GLY G 25 4.94 21.67 3.11
C GLY G 25 4.33 20.30 3.35
N LEU G 26 4.44 19.80 4.58
CA LEU G 26 3.79 18.55 4.94
C LEU G 26 2.29 18.67 4.82
N MET G 27 1.73 19.79 5.27
CA MET G 27 0.31 20.05 5.11
C MET G 27 -0.10 19.96 3.66
N PHE G 28 0.63 20.65 2.79
CA PHE G 28 0.28 20.67 1.38
C PHE G 28 0.40 19.28 0.77
N LYS G 29 1.45 18.54 1.14
CA LYS G 29 1.63 17.20 0.59
C LYS G 29 0.52 16.26 1.04
N ILE G 30 0.12 16.34 2.31
CA ILE G 30 -0.90 15.44 2.83
C ILE G 30 -2.28 15.80 2.27
N LEU G 31 -2.59 17.09 2.17
CA LEU G 31 -3.86 17.51 1.62
C LEU G 31 -3.88 17.48 0.10
N HIS G 32 -2.82 17.02 -0.54
CA HIS G 32 -2.72 16.91 -2.00
C HIS G 32 -2.88 18.26 -2.68
N LEU G 33 -2.30 19.29 -2.08
CA LEU G 33 -2.31 20.62 -2.69
C LEU G 33 -1.19 20.67 -3.73
N LYS G 34 -0.89 21.86 -4.24
CA LYS G 34 -0.14 21.96 -5.49
C LYS G 34 1.38 22.03 -5.28
N GLY G 35 1.86 22.93 -4.44
CA GLY G 35 3.29 23.18 -4.39
C GLY G 35 3.98 22.85 -3.09
N GLY G 36 3.62 21.73 -2.47
CA GLY G 36 4.14 21.41 -1.17
C GLY G 36 5.42 20.61 -1.16
N GLU G 37 5.75 19.99 -2.29
CA GLU G 37 6.96 19.18 -2.35
C GLU G 37 8.22 20.03 -2.38
N TRP G 38 8.11 21.31 -2.70
CA TRP G 38 9.25 22.21 -2.71
C TRP G 38 9.52 22.82 -1.34
N MET G 39 8.48 23.14 -0.58
CA MET G 39 8.68 23.68 0.77
C MET G 39 9.30 22.65 1.70
N ILE G 40 8.91 21.37 1.57
CA ILE G 40 9.56 20.34 2.37
C ILE G 40 11.05 20.33 2.12
N GLY G 41 11.44 20.32 0.85
CA GLY G 41 12.85 20.29 0.52
C GLY G 41 13.60 21.49 1.04
N VAL G 42 13.07 22.69 0.79
CA VAL G 42 13.77 23.90 1.20
C VAL G 42 13.85 23.98 2.72
N GLY G 43 12.74 23.75 3.40
CA GLY G 43 12.74 23.84 4.85
C GLY G 43 13.64 22.80 5.50
N LEU G 44 13.64 21.58 4.97
CA LEU G 44 14.49 20.55 5.56
C LEU G 44 15.96 20.78 5.26
N ALA G 45 16.29 21.31 4.08
CA ALA G 45 17.67 21.67 3.81
C ALA G 45 18.13 22.79 4.74
N VAL G 46 17.28 23.79 4.94
CA VAL G 46 17.61 24.86 5.89
C VAL G 46 17.75 24.30 7.29
N GLU G 47 16.90 23.36 7.67
CA GLU G 47 16.97 22.78 9.00
C GLU G 47 18.25 21.98 9.19
N ALA G 48 18.64 21.19 8.19
CA ALA G 48 19.88 20.43 8.27
C ALA G 48 21.07 21.37 8.34
N LEU G 49 21.06 22.44 7.55
CA LEU G 49 22.16 23.39 7.58
C LEU G 49 22.25 24.09 8.93
N LEU G 50 21.10 24.44 9.52
CA LEU G 50 21.12 25.13 10.80
C LEU G 50 21.53 24.19 11.93
N PHE G 51 21.16 22.92 11.85
CA PHE G 51 21.62 21.97 12.85
C PHE G 51 23.11 21.68 12.70
N PHE G 52 23.60 21.67 11.46
CA PHE G 52 25.03 21.52 11.23
C PHE G 52 25.79 22.70 11.83
N ILE G 53 25.31 23.92 11.59
CA ILE G 53 25.97 25.10 12.10
C ILE G 53 25.99 25.09 13.62
N MET G 54 24.87 24.72 14.23
CA MET G 54 24.72 24.77 15.67
C MET G 54 25.61 23.75 16.38
N GLY G 55 26.17 22.78 15.65
CA GLY G 55 27.16 21.91 16.24
C GLY G 55 28.46 22.61 16.57
N PHE G 56 28.71 23.76 15.96
CA PHE G 56 29.87 24.60 16.25
C PHE G 56 29.56 25.62 17.34
N MET G 57 29.04 25.14 18.48
CA MET G 57 28.68 26.03 19.58
C MET G 57 29.09 25.37 20.89
N GLN G 58 29.27 26.18 21.91
CA GLN G 58 29.67 25.68 23.22
C GLN G 58 28.52 24.91 23.88
#